data_6FE0
#
_entry.id   6FE0
#
_cell.length_a   152.859
_cell.length_b   152.859
_cell.length_c   171.469
_cell.angle_alpha   90.00
_cell.angle_beta   90.00
_cell.angle_gamma   120.00
#
_symmetry.space_group_name_H-M   'H 3'
#
loop_
_entity.id
_entity.type
_entity.pdbx_description
1 polymer 'Carbonic anhydrase 9'
2 non-polymer 'ZINC ION'
3 non-polymer 2-(cyclooctylamino)-3,5,6-trifluoro-4-[(2-hydroxyethyl)sulfanyl]benzenesulfonamide
4 water water
#
_entity_poly.entity_id   1
_entity_poly.type   'polypeptide(L)'
_entity_poly.pdbx_seq_one_letter_code
;GPDQSHWRYGGDPPWPRVSPACAGRFQSPVDIRPQLAAFSPALRPLELLGFQLPPLPELRLRNNGHSVQLTLPPGLEMAL
GPGREYRALQLHLHWGAAGRPGSEHTVEGHRFPAEIHVVHLSTAFARVDEALGRPGGLAVLAAFLEEGPEENSAYEQLLS
RLEEIAEEGSETQVPGLDISALLPSDFSRYFQYEGSLTTPPCAQGVIWTVFNQTVMLSAKQLHTLSDTLWGPGDSRLQLN
FRATQPLNGRVIEASFP
;
_entity_poly.pdbx_strand_id   A,B,C,D
#
loop_
_chem_comp.id
_chem_comp.type
_chem_comp.name
_chem_comp.formula
V90 non-polymer 2-(cyclooctylamino)-3,5,6-trifluoro-4-[(2-hydroxyethyl)sulfanyl]benzenesulfonamide 'C16 H23 F3 N2 O3 S2'
ZN non-polymer 'ZINC ION' 'Zn 2'
#
# COMPACT_ATOMS: atom_id res chain seq x y z
N SER A 19 -22.34 -3.19 18.62
CA SER A 19 -21.55 -2.49 17.54
C SER A 19 -20.25 -1.96 18.13
N PRO A 20 -19.12 -2.64 17.88
CA PRO A 20 -17.85 -2.27 18.55
C PRO A 20 -17.35 -0.85 18.24
N ALA A 21 -17.72 -0.32 17.07
CA ALA A 21 -17.37 1.05 16.72
C ALA A 21 -17.94 2.09 17.71
N CYS A 22 -19.03 1.75 18.40
CA CYS A 22 -19.58 2.63 19.42
C CYS A 22 -18.65 2.79 20.62
N ALA A 23 -17.65 1.92 20.76
CA ALA A 23 -16.58 2.07 21.74
C ALA A 23 -15.31 2.67 21.14
N GLY A 24 -15.40 3.31 19.98
CA GLY A 24 -14.25 4.02 19.42
C GLY A 24 -13.82 5.21 20.29
N ARG A 25 -12.63 5.72 20.01
CA ARG A 25 -12.02 6.81 20.81
C ARG A 25 -12.60 8.18 20.52
N PHE A 26 -13.20 8.36 19.34
CA PHE A 26 -13.57 9.71 18.86
C PHE A 26 -15.05 9.77 18.47
N GLN A 27 -15.88 9.68 19.50
CA GLN A 27 -17.33 9.59 19.37
C GLN A 27 -18.05 10.90 19.66
N SER A 28 -19.33 10.92 19.32
CA SER A 28 -20.23 12.03 19.55
C SER A 28 -21.44 11.50 20.31
N PRO A 29 -22.18 12.38 20.97
CA PRO A 29 -21.98 13.81 21.14
C PRO A 29 -20.99 14.10 22.26
N VAL A 30 -20.69 15.38 22.41
CA VAL A 30 -19.73 15.87 23.42
C VAL A 30 -20.30 17.07 24.17
N ASP A 31 -19.73 17.34 25.34
CA ASP A 31 -19.96 18.59 26.05
C ASP A 31 -19.07 19.69 25.50
N ILE A 32 -19.71 20.77 25.08
CA ILE A 32 -19.02 21.93 24.53
C ILE A 32 -18.70 22.89 25.69
N ARG A 33 -17.42 23.17 25.88
CA ARG A 33 -16.93 24.09 26.91
C ARG A 33 -16.30 25.26 26.19
N PRO A 34 -17.08 26.35 25.98
CA PRO A 34 -16.57 27.42 25.13
C PRO A 34 -15.24 28.03 25.53
N GLN A 35 -14.94 28.08 26.83
CA GLN A 35 -13.66 28.69 27.25
C GLN A 35 -12.47 27.84 26.86
N LEU A 36 -12.72 26.56 26.53
CA LEU A 36 -11.69 25.67 26.04
C LEU A 36 -11.69 25.46 24.53
N ALA A 37 -12.64 26.07 23.84
CA ALA A 37 -12.69 26.02 22.39
C ALA A 37 -11.53 26.82 21.78
N ALA A 38 -11.01 26.35 20.65
CA ALA A 38 -9.94 27.03 19.93
C ALA A 38 -10.50 27.93 18.83
N PHE A 39 -10.36 29.24 18.98
CA PHE A 39 -10.78 30.19 17.96
C PHE A 39 -9.88 30.03 16.73
N SER A 40 -10.44 29.76 15.56
CA SER A 40 -9.64 29.91 14.31
C SER A 40 -10.36 30.80 13.36
N PRO A 41 -9.73 31.94 13.01
CA PRO A 41 -10.38 32.79 12.04
C PRO A 41 -10.43 32.21 10.63
N ALA A 42 -9.83 31.05 10.37
CA ALA A 42 -10.01 30.36 9.11
C ALA A 42 -11.43 29.78 8.92
N LEU A 43 -12.20 29.66 9.99
CA LEU A 43 -13.56 29.13 9.91
C LEU A 43 -14.47 30.23 9.42
N ARG A 44 -14.88 30.16 8.15
CA ARG A 44 -15.69 31.19 7.48
CA ARG A 44 -15.68 31.23 7.53
C ARG A 44 -17.18 30.92 7.69
N PRO A 45 -18.04 31.93 7.38
CA PRO A 45 -19.46 31.64 7.48
C PRO A 45 -19.89 30.44 6.63
N LEU A 46 -20.79 29.63 7.19
CA LEU A 46 -21.36 28.48 6.48
C LEU A 46 -22.11 29.01 5.25
N GLU A 47 -22.02 28.29 4.16
CA GLU A 47 -22.76 28.63 2.93
C GLU A 47 -23.77 27.52 2.65
N LEU A 48 -25.06 27.86 2.61
CA LEU A 48 -26.16 26.93 2.39
C LEU A 48 -27.02 27.44 1.21
N LEU A 49 -26.89 26.81 0.06
CA LEU A 49 -27.67 27.18 -1.13
C LEU A 49 -28.61 26.08 -1.57
N GLY A 50 -29.72 26.49 -2.17
CA GLY A 50 -30.76 25.56 -2.62
C GLY A 50 -31.65 25.03 -1.51
N PHE A 51 -31.62 25.64 -0.32
CA PHE A 51 -32.43 25.14 0.80
C PHE A 51 -33.88 25.66 0.80
N GLN A 52 -34.19 26.67 -0.02
CA GLN A 52 -35.52 27.28 -0.01
C GLN A 52 -36.36 26.46 -1.00
N LEU A 53 -36.93 25.36 -0.51
CA LEU A 53 -37.64 24.42 -1.37
C LEU A 53 -39.04 24.96 -1.72
N PRO A 54 -39.51 24.70 -2.97
CA PRO A 54 -40.90 25.03 -3.33
C PRO A 54 -41.86 23.99 -2.75
N PRO A 55 -43.19 24.30 -2.74
CA PRO A 55 -44.17 23.36 -2.16
C PRO A 55 -44.19 21.96 -2.78
N LEU A 56 -43.92 21.86 -4.07
CA LEU A 56 -43.85 20.57 -4.76
C LEU A 56 -42.50 20.41 -5.43
N PRO A 57 -41.92 19.18 -5.44
CA PRO A 57 -42.47 17.93 -4.90
C PRO A 57 -42.51 17.90 -3.38
N GLU A 58 -43.41 17.05 -2.87
CA GLU A 58 -43.52 16.83 -1.44
C GLU A 58 -42.36 15.95 -0.95
N LEU A 59 -42.14 15.97 0.36
CA LEU A 59 -41.00 15.30 1.00
C LEU A 59 -41.49 14.21 1.93
N ARG A 60 -40.74 13.12 1.96
CA ARG A 60 -41.03 12.01 2.85
C ARG A 60 -40.64 12.34 4.29
N LEU A 61 -41.61 12.23 5.20
CA LEU A 61 -41.43 12.36 6.65
C LEU A 61 -41.77 11.00 7.25
N ARG A 62 -40.88 10.48 8.10
CA ARG A 62 -40.96 9.10 8.53
C ARG A 62 -40.61 8.93 10.01
N ASN A 63 -41.45 8.20 10.74
CA ASN A 63 -41.14 7.75 12.09
C ASN A 63 -40.39 6.43 11.93
N ASN A 64 -39.08 6.44 12.17
CA ASN A 64 -38.27 5.21 12.01
C ASN A 64 -38.02 4.48 13.33
N GLY A 65 -38.71 4.88 14.40
CA GLY A 65 -38.50 4.29 15.73
C GLY A 65 -37.33 4.85 16.55
N HIS A 66 -36.38 5.51 15.91
CA HIS A 66 -35.29 6.20 16.61
C HIS A 66 -35.48 7.72 16.61
N SER A 67 -36.02 8.26 15.52
CA SER A 67 -36.27 9.69 15.38
C SER A 67 -37.39 9.90 14.37
N VAL A 68 -37.74 11.16 14.12
CA VAL A 68 -38.53 11.54 12.96
C VAL A 68 -37.57 12.11 11.94
N GLN A 69 -37.64 11.58 10.72
CA GLN A 69 -36.68 11.89 9.66
C GLN A 69 -37.36 12.41 8.40
N LEU A 70 -36.88 13.56 7.94
CA LEU A 70 -37.30 14.19 6.71
C LEU A 70 -36.26 13.97 5.61
N THR A 71 -36.68 13.32 4.53
CA THR A 71 -35.82 13.08 3.37
C THR A 71 -35.74 14.35 2.55
N LEU A 72 -34.52 14.76 2.19
CA LEU A 72 -34.31 15.97 1.44
C LEU A 72 -34.01 15.64 -0.01
N PRO A 73 -34.44 16.50 -0.95
CA PRO A 73 -34.22 16.26 -2.36
C PRO A 73 -32.80 16.65 -2.79
N PRO A 74 -32.43 16.33 -4.04
CA PRO A 74 -31.20 16.87 -4.61
C PRO A 74 -31.24 18.37 -4.62
N GLY A 75 -29.70 19.03 -4.65
CA GLY A 75 -29.65 20.45 -4.88
C GLY A 75 -29.46 21.27 -3.64
N LEU A 76 -29.47 20.66 -2.45
CA LEU A 76 -29.20 21.43 -1.22
C LEU A 76 -27.69 21.40 -1.02
N GLU A 77 -27.03 22.50 -1.37
CA GLU A 77 -25.58 22.50 -1.39
C GLU A 77 -25.06 23.26 -0.16
N MET A 78 -24.00 22.73 0.43
CA MET A 78 -23.43 23.32 1.66
C MET A 78 -21.90 23.28 1.58
N ALA A 79 -21.25 24.34 2.04
CA ALA A 79 -19.78 24.37 2.12
C ALA A 79 -19.33 24.73 3.52
N LEU A 80 -18.39 23.95 4.05
CA LEU A 80 -17.70 24.26 5.31
C LEU A 80 -16.46 25.12 5.09
N GLY A 81 -16.04 25.18 3.84
CA GLY A 81 -14.98 26.05 3.47
C GLY A 81 -14.80 26.00 1.98
N PRO A 82 -13.45 26.80 1.45
CA PRO A 82 -13.24 26.84 0.00
C PRO A 82 -13.07 25.42 -0.54
N GLY A 83 -13.92 25.00 -1.47
CA GLY A 83 -13.85 23.65 -2.03
C GLY A 83 -14.22 22.48 -1.12
N ARG A 84 -14.86 22.73 0.03
CA ARG A 84 -15.23 21.66 0.93
C ARG A 84 -16.74 21.58 0.95
N GLU A 85 -17.28 20.92 -0.07
CA GLU A 85 -18.70 20.96 -0.35
C GLU A 85 -19.38 19.65 -0.08
N TYR A 86 -20.68 19.80 0.18
CA TYR A 86 -21.56 18.80 0.75
C TYR A 86 -22.96 18.93 0.14
N ARG A 87 -23.71 17.84 0.11
CA ARG A 87 -25.11 17.84 -0.30
C ARG A 87 -25.93 17.27 0.84
N ALA A 88 -27.04 17.93 1.18
CA ALA A 88 -27.89 17.50 2.28
C ALA A 88 -28.69 16.27 1.89
N LEU A 89 -28.76 15.29 2.79
CA LEU A 89 -29.48 14.04 2.57
C LEU A 89 -30.80 13.98 3.31
N GLN A 90 -30.79 14.41 4.57
CA GLN A 90 -31.92 14.29 5.49
C GLN A 90 -31.74 15.18 6.72
N LEU A 91 -32.84 15.42 7.41
CA LEU A 91 -32.77 16.00 8.72
C LEU A 91 -33.59 15.16 9.68
N HIS A 92 -33.24 15.25 10.95
CA HIS A 92 -33.96 14.54 12.01
C HIS A 92 -33.72 15.26 13.33
N LEU A 93 -34.39 14.80 14.38
CA LEU A 93 -34.41 15.52 15.64
C LEU A 93 -34.15 14.58 16.81
N HIS A 94 -33.72 15.18 17.91
CA HIS A 94 -33.51 14.48 19.17
C HIS A 94 -34.19 15.32 20.21
N TRP A 95 -34.91 14.66 21.12
CA TRP A 95 -35.76 15.37 22.09
C TRP A 95 -35.92 14.58 23.39
N GLY A 96 -36.54 15.24 24.38
CA GLY A 96 -36.59 14.72 25.74
C GLY A 96 -37.92 14.06 26.07
N ALA A 97 -38.52 14.50 27.16
CA ALA A 97 -39.89 14.09 27.55
C ALA A 97 -40.48 15.24 28.35
N ALA A 98 -41.69 15.06 28.91
CA ALA A 98 -42.35 16.14 29.67
C ALA A 98 -41.39 16.77 30.70
N GLY A 99 -41.00 18.03 30.43
CA GLY A 99 -40.06 18.78 31.29
C GLY A 99 -38.70 18.12 31.53
N ARG A 100 -38.22 17.36 30.55
CA ARG A 100 -36.91 16.72 30.61
C ARG A 100 -36.23 17.05 29.27
N PRO A 101 -35.09 17.75 29.30
CA PRO A 101 -34.44 18.09 28.03
C PRO A 101 -33.84 16.87 27.29
N GLY A 102 -33.76 16.95 25.98
CA GLY A 102 -33.20 15.84 25.18
C GLY A 102 -32.27 16.17 24.02
N SER A 103 -31.53 17.27 24.11
CA SER A 103 -30.47 17.54 23.15
C SER A 103 -29.36 16.49 23.33
N GLU A 104 -28.56 16.28 22.28
CA GLU A 104 -27.42 15.37 22.30
C GLU A 104 -26.17 16.07 22.80
N HIS A 105 -25.78 17.15 22.11
CA HIS A 105 -24.72 18.02 22.61
C HIS A 105 -25.24 18.77 23.84
N THR A 106 -24.31 19.07 24.74
CA THR A 106 -24.55 19.92 25.89
C THR A 106 -23.54 21.08 25.84
N VAL A 107 -23.85 22.17 26.55
CA VAL A 107 -22.95 23.31 26.67
C VAL A 107 -22.69 23.52 28.16
N GLU A 108 -21.45 23.29 28.58
CA GLU A 108 -21.08 23.34 29.99
C GLU A 108 -22.01 22.54 30.89
N GLY A 109 -22.41 21.36 30.44
CA GLY A 109 -23.26 20.46 31.21
C GLY A 109 -24.75 20.75 31.04
N HIS A 110 -25.14 21.85 30.38
CA HIS A 110 -26.57 22.17 30.17
C HIS A 110 -27.09 21.45 28.93
N ARG A 111 -28.20 20.72 29.11
CA ARG A 111 -28.91 20.03 28.05
C ARG A 111 -30.08 20.88 27.64
N PHE A 112 -30.23 21.11 26.34
CA PHE A 112 -31.29 21.93 25.79
C PHE A 112 -32.50 21.05 25.51
N PRO A 113 -33.70 21.67 25.39
CA PRO A 113 -34.90 20.85 25.13
C PRO A 113 -34.78 19.87 23.98
N ALA A 114 -34.22 20.30 22.85
CA ALA A 114 -34.10 19.40 21.70
C ALA A 114 -32.97 19.84 20.78
N GLU A 115 -32.74 19.09 19.72
CA GLU A 115 -31.64 19.35 18.79
C GLU A 115 -32.01 18.87 17.40
N ILE A 116 -31.71 19.67 16.39
CA ILE A 116 -31.95 19.29 15.00
C ILE A 116 -30.58 18.97 14.35
N HIS A 117 -30.58 17.92 13.53
CA HIS A 117 -29.39 17.47 12.78
C HIS A 117 -29.71 17.41 11.33
N VAL A 118 -28.98 18.18 10.52
CA VAL A 118 -29.07 18.12 9.09
C VAL A 118 -27.83 17.40 8.57
N VAL A 119 -28.02 16.22 8.01
CA VAL A 119 -26.93 15.36 7.60
C VAL A 119 -26.61 15.54 6.14
N HIS A 120 -25.31 15.69 5.84
CA HIS A 120 -24.83 15.94 4.51
C HIS A 120 -23.75 14.92 4.11
N LEU A 121 -23.63 14.71 2.79
CA LEU A 121 -22.62 13.85 2.18
C LEU A 121 -21.63 14.69 1.40
N SER A 122 -20.34 14.46 1.61
CA SER A 122 -19.30 15.14 0.81
C SER A 122 -19.49 14.86 -0.69
N THR A 123 -19.33 15.91 -1.52
CA THR A 123 -19.52 15.82 -2.98
C THR A 123 -18.37 15.01 -3.57
N ALA A 124 -17.10 14.60 -2.55
CA ALA A 124 -16.10 13.68 -3.04
C ALA A 124 -16.58 12.25 -3.01
N PHE A 125 -17.77 11.96 -2.48
CA PHE A 125 -18.26 10.60 -2.35
C PHE A 125 -19.64 10.47 -3.03
N ALA A 126 -19.82 9.43 -3.86
CA ALA A 126 -21.11 9.21 -4.55
C ALA A 126 -22.14 8.57 -3.64
N ARG A 127 -21.68 7.79 -2.66
CA ARG A 127 -22.53 7.01 -1.77
C ARG A 127 -22.18 7.24 -0.31
N VAL A 128 -23.21 7.16 0.54
CA VAL A 128 -23.09 7.25 1.97
C VAL A 128 -22.20 6.12 2.53
N ASP A 129 -22.38 4.89 2.03
CA ASP A 129 -21.60 3.77 2.53
C ASP A 129 -20.08 3.88 2.26
N GLU A 130 -19.70 4.59 1.21
CA GLU A 130 -18.30 4.95 0.97
C GLU A 130 -17.77 6.03 1.92
N ALA A 131 -18.64 6.95 2.31
CA ALA A 131 -18.31 8.05 3.20
C ALA A 131 -18.18 7.64 4.68
N LEU A 132 -18.89 6.59 5.08
CA LEU A 132 -18.86 6.13 6.46
C LEU A 132 -17.47 5.73 6.87
N GLY A 133 -16.99 6.35 7.96
CA GLY A 133 -15.65 6.08 8.47
C GLY A 133 -14.51 6.83 7.79
N ARG A 134 -14.81 7.62 6.76
CA ARG A 134 -13.80 8.37 6.04
C ARG A 134 -13.84 9.80 6.59
N PRO A 135 -12.68 10.44 6.75
CA PRO A 135 -12.67 11.77 7.37
C PRO A 135 -13.36 12.82 6.50
N GLY A 136 -14.35 13.50 7.07
CA GLY A 136 -15.13 14.48 6.36
C GLY A 136 -16.11 13.94 5.34
N GLY A 137 -16.30 12.62 5.27
CA GLY A 137 -17.24 12.02 4.33
C GLY A 137 -18.66 12.48 4.59
N LEU A 138 -19.03 12.55 5.86
CA LEU A 138 -20.30 13.10 6.32
C LEU A 138 -20.06 14.34 7.20
N ALA A 139 -20.97 15.29 7.08
CA ALA A 139 -20.97 16.51 7.88
C ALA A 139 -22.39 16.73 8.36
N VAL A 140 -22.52 17.01 9.66
CA VAL A 140 -23.81 17.31 10.25
C VAL A 140 -23.84 18.75 10.74
N LEU A 141 -24.92 19.46 10.37
CA LEU A 141 -25.21 20.76 10.96
C LEU A 141 -26.18 20.54 12.12
N ALA A 142 -25.80 21.01 13.30
CA ALA A 142 -26.56 20.79 14.53
C ALA A 142 -26.96 22.09 15.17
N ALA A 143 -28.21 22.19 15.61
CA ALA A 143 -28.68 23.41 16.28
C ALA A 143 -29.53 23.03 17.47
N PHE A 144 -29.38 23.77 18.56
CA PHE A 144 -30.21 23.56 19.75
C PHE A 144 -31.55 24.25 19.56
N LEU A 145 -32.60 23.58 20.00
CA LEU A 145 -33.95 24.14 20.08
C LEU A 145 -34.29 24.44 21.54
N GLU A 146 -34.72 25.67 21.80
CA GLU A 146 -35.07 26.13 23.18
C GLU A 146 -36.52 26.59 23.23
N GLU A 147 -37.04 26.77 24.44
CA GLU A 147 -38.38 27.31 24.61
C GLU A 147 -38.38 28.82 24.46
N GLY A 148 -39.27 29.35 23.64
CA GLY A 148 -39.51 30.78 23.54
C GLY A 148 -41.00 31.09 23.62
N PRO A 149 -41.36 32.38 23.61
CA PRO A 149 -42.79 32.74 23.75
C PRO A 149 -43.65 32.51 22.50
N GLU A 150 -43.08 32.59 21.29
CA GLU A 150 -43.85 32.47 20.05
C GLU A 150 -43.84 31.04 19.47
N GLU A 151 -44.94 30.68 18.81
CA GLU A 151 -44.97 29.55 17.91
C GLU A 151 -43.99 29.79 16.74
N ASN A 152 -43.18 28.78 16.44
CA ASN A 152 -42.23 28.82 15.33
C ASN A 152 -42.90 28.25 14.08
N SER A 153 -43.09 29.10 13.07
CA SER A 153 -43.80 28.70 11.85
C SER A 153 -43.10 27.57 11.09
N ALA A 154 -41.77 27.66 11.03
CA ALA A 154 -40.98 26.68 10.28
C ALA A 154 -41.15 25.32 10.88
N TYR A 155 -40.97 25.22 12.19
CA TYR A 155 -41.11 23.94 12.86
C TYR A 155 -42.55 23.41 12.87
N GLU A 156 -43.54 24.31 12.84
CA GLU A 156 -44.96 23.90 12.84
C GLU A 156 -45.32 23.07 11.60
N GLN A 157 -44.70 23.39 10.46
CA GLN A 157 -44.88 22.59 9.26
C GLN A 157 -44.55 21.10 9.44
N LEU A 158 -43.59 20.76 10.33
CA LEU A 158 -43.29 19.36 10.61
C LEU A 158 -44.06 18.82 11.80
N LEU A 159 -44.13 19.62 12.85
CA LEU A 159 -44.74 19.18 14.11
C LEU A 159 -46.24 18.89 13.94
N SER A 160 -46.90 19.67 13.10
CA SER A 160 -48.33 19.46 12.82
C SER A 160 -48.63 18.14 12.07
N ARG A 161 -47.61 17.46 11.54
CA ARG A 161 -47.78 16.20 10.82
C ARG A 161 -47.33 14.97 11.60
N LEU A 162 -46.93 15.16 12.85
CA LEU A 162 -46.44 14.05 13.65
C LEU A 162 -47.55 13.08 14.04
N GLU A 163 -48.76 13.60 14.27
CA GLU A 163 -49.87 12.74 14.65
C GLU A 163 -50.17 11.69 13.58
N GLU A 164 -50.05 12.07 12.30
CA GLU A 164 -50.16 11.13 11.18
C GLU A 164 -49.17 9.97 11.21
N ILE A 165 -47.97 10.21 11.73
CA ILE A 165 -46.94 9.18 11.74
C ILE A 165 -46.62 8.71 13.15
N ALA A 166 -47.63 8.77 14.05
CA ALA A 166 -47.41 8.40 15.44
C ALA A 166 -46.89 6.99 15.60
N GLU A 167 -47.33 6.08 14.75
CA GLU A 167 -46.89 4.70 14.83
C GLU A 167 -45.49 4.48 14.27
N GLU A 168 -44.69 3.71 15.01
CA GLU A 168 -43.36 3.28 14.57
C GLU A 168 -43.44 2.71 13.16
N GLY A 169 -42.59 3.23 12.27
CA GLY A 169 -42.53 2.75 10.89
C GLY A 169 -43.44 3.46 9.93
N SER A 170 -44.34 4.32 10.40
CA SER A 170 -45.27 4.97 9.49
C SER A 170 -44.60 6.17 8.85
N GLU A 171 -45.13 6.58 7.71
CA GLU A 171 -44.64 7.74 6.99
C GLU A 171 -45.75 8.54 6.32
N THR A 172 -45.40 9.74 5.89
CA THR A 172 -46.32 10.61 5.18
C THR A 172 -45.50 11.51 4.25
N GLN A 173 -46.18 12.33 3.47
CA GLN A 173 -45.56 13.27 2.55
C GLN A 173 -45.93 14.66 3.03
N VAL A 174 -44.99 15.60 3.01
CA VAL A 174 -45.25 16.97 3.45
C VAL A 174 -44.84 17.91 2.35
N PRO A 175 -45.48 19.10 2.26
CA PRO A 175 -45.01 20.03 1.25
C PRO A 175 -43.57 20.48 1.49
N GLY A 176 -42.85 20.73 0.40
CA GLY A 176 -41.55 21.37 0.49
C GLY A 176 -41.64 22.63 1.33
N LEU A 177 -40.53 22.95 2.00
CA LEU A 177 -40.44 24.07 2.94
C LEU A 177 -39.02 24.63 2.92
N ASP A 178 -38.85 25.82 3.48
CA ASP A 178 -37.52 26.42 3.57
C ASP A 178 -36.76 25.75 4.73
N ILE A 179 -35.87 24.83 4.37
CA ILE A 179 -35.09 24.07 5.34
C ILE A 179 -34.19 25.01 6.14
N SER A 180 -33.66 26.04 5.51
CA SER A 180 -32.76 26.99 6.18
C SER A 180 -33.46 27.82 7.26
N ALA A 181 -34.79 27.93 7.18
CA ALA A 181 -35.56 28.60 8.20
C ALA A 181 -35.64 27.85 9.52
N LEU A 182 -35.27 26.56 9.50
CA LEU A 182 -35.16 25.73 10.71
C LEU A 182 -33.89 26.01 11.52
N LEU A 183 -32.99 26.84 10.97
CA LEU A 183 -31.67 27.05 11.51
C LEU A 183 -31.50 28.43 12.12
N PRO A 184 -30.47 28.62 12.98
CA PRO A 184 -30.32 29.89 13.68
C PRO A 184 -29.94 31.06 12.78
N SER A 185 -29.94 32.24 13.36
CA SER A 185 -29.74 33.47 12.67
C SER A 185 -28.34 33.67 12.05
N ASP A 186 -27.28 33.39 12.80
CA ASP A 186 -25.93 33.76 12.40
C ASP A 186 -25.12 32.53 11.97
N PHE A 187 -24.89 32.40 10.65
CA PHE A 187 -24.09 31.31 10.06
C PHE A 187 -22.57 31.50 10.21
N SER A 188 -22.13 32.60 10.82
CA SER A 188 -20.71 32.85 11.06
C SER A 188 -20.25 32.39 12.43
N ARG A 189 -21.19 32.01 13.31
CA ARG A 189 -20.92 31.65 14.70
C ARG A 189 -21.28 30.20 15.00
N TYR A 190 -20.25 29.35 15.08
CA TYR A 190 -20.41 27.93 15.32
C TYR A 190 -19.17 27.31 16.00
N PHE A 191 -19.39 26.11 16.55
CA PHE A 191 -18.32 25.25 17.04
C PHE A 191 -18.20 24.10 16.08
N GLN A 192 -17.01 23.50 16.00
CA GLN A 192 -16.77 22.43 15.05
C GLN A 192 -15.73 21.45 15.59
N TYR A 193 -16.01 20.17 15.37
CA TYR A 193 -15.11 19.09 15.75
C TYR A 193 -15.43 17.86 14.91
N GLU A 194 -14.55 16.88 14.96
CA GLU A 194 -14.72 15.62 14.30
C GLU A 194 -15.09 14.53 15.29
N GLY A 195 -16.15 13.77 14.98
CA GLY A 195 -16.61 12.71 15.82
C GLY A 195 -17.35 11.63 15.01
N SER A 196 -18.51 11.24 15.50
CA SER A 196 -19.20 10.04 15.03
C SER A 196 -20.69 10.23 14.87
N LEU A 197 -21.30 9.22 14.24
CA LEU A 197 -22.76 9.09 14.31
C LEU A 197 -23.09 8.81 15.77
N THR A 198 -24.26 9.28 16.22
CA THR A 198 -24.72 9.04 17.59
C THR A 198 -25.64 7.84 17.68
N THR A 199 -25.69 7.05 16.61
CA THR A 199 -26.47 5.83 16.56
C THR A 199 -25.61 4.78 15.84
N PRO A 200 -25.86 3.47 16.09
CA PRO A 200 -25.16 2.47 15.29
C PRO A 200 -25.33 2.75 13.80
N PRO A 201 -24.25 2.59 13.01
CA PRO A 201 -22.96 1.97 13.33
C PRO A 201 -21.88 2.82 14.06
N CYS A 202 -22.21 4.04 14.50
CA CYS A 202 -21.27 4.90 15.26
C CYS A 202 -19.97 5.19 14.50
N ALA A 203 -20.08 5.28 13.17
CA ALA A 203 -18.93 5.55 12.31
C ALA A 203 -18.28 6.88 12.66
N GLN A 204 -16.94 6.87 12.69
CA GLN A 204 -16.13 8.05 12.94
C GLN A 204 -15.84 8.80 11.66
N GLY A 205 -15.17 9.95 11.79
CA GLY A 205 -14.89 10.82 10.65
C GLY A 205 -16.00 11.82 10.29
N VAL A 206 -17.02 11.96 11.14
CA VAL A 206 -18.13 12.89 10.89
C VAL A 206 -17.76 14.28 11.38
N ILE A 207 -17.86 15.29 10.51
CA ILE A 207 -17.62 16.69 10.92
C ILE A 207 -18.92 17.25 11.47
N TRP A 208 -18.90 17.52 12.77
CA TRP A 208 -20.00 18.15 13.48
C TRP A 208 -19.77 19.66 13.55
N THR A 209 -20.78 20.42 13.11
CA THR A 209 -20.81 21.88 13.24
C THR A 209 -22.05 22.22 14.07
N VAL A 210 -21.82 22.83 15.24
CA VAL A 210 -22.89 23.15 16.17
C VAL A 210 -23.00 24.67 16.24
N PHE A 211 -24.14 25.20 15.82
CA PHE A 211 -24.39 26.62 15.89
C PHE A 211 -24.28 27.12 17.32
N ASN A 212 -23.67 28.29 17.47
CA ASN A 212 -23.63 29.05 18.75
C ASN A 212 -25.04 29.45 19.20
N GLN A 213 -25.84 30.03 18.30
CA GLN A 213 -27.18 30.50 18.64
C GLN A 213 -28.20 29.40 18.49
N THR A 214 -29.27 29.53 19.25
CA THR A 214 -30.33 28.54 19.24
C THR A 214 -31.51 29.00 18.40
N VAL A 215 -32.46 28.11 18.21
CA VAL A 215 -33.77 28.46 17.67
C VAL A 215 -34.80 28.22 18.77
N MET A 216 -35.89 28.98 18.71
CA MET A 216 -36.94 28.93 19.74
C MET A 216 -38.23 28.32 19.20
N LEU A 217 -38.81 27.42 19.98
CA LEU A 217 -40.12 26.85 19.72
C LEU A 217 -40.97 27.13 20.96
N SER A 218 -42.29 27.16 20.80
CA SER A 218 -43.20 27.35 21.95
C SER A 218 -43.24 26.08 22.80
N ALA A 219 -43.70 26.17 24.05
CA ALA A 219 -43.76 24.97 24.92
C ALA A 219 -44.71 23.92 24.37
N LYS A 220 -45.80 24.37 23.77
CA LYS A 220 -46.75 23.47 23.11
C LYS A 220 -46.08 22.68 21.98
N GLN A 221 -45.28 23.38 21.18
CA GLN A 221 -44.51 22.73 20.10
C GLN A 221 -43.52 21.68 20.60
N LEU A 222 -42.78 22.01 21.65
CA LEU A 222 -41.85 21.06 22.27
C LEU A 222 -42.57 19.86 22.87
N HIS A 223 -43.70 20.10 23.54
CA HIS A 223 -44.52 18.98 24.03
CA HIS A 223 -44.59 19.01 24.03
C HIS A 223 -45.05 18.14 22.86
N THR A 224 -45.47 18.76 21.77
CA THR A 224 -45.87 18.00 20.60
C THR A 224 -44.75 17.08 20.07
N LEU A 225 -43.52 17.61 19.97
CA LEU A 225 -42.38 16.80 19.48
C LEU A 225 -42.16 15.54 20.32
N SER A 226 -42.25 15.70 21.65
CA SER A 226 -41.88 14.66 22.58
C SER A 226 -43.01 13.73 22.98
N ASP A 227 -44.25 14.12 22.74
CA ASP A 227 -45.38 13.34 23.25
C ASP A 227 -46.22 12.67 22.15
N THR A 228 -45.86 12.85 20.89
CA THR A 228 -46.68 12.38 19.79
C THR A 228 -46.27 11.01 19.25
N LEU A 229 -44.96 10.74 19.14
CA LEU A 229 -44.48 9.57 18.42
C LEU A 229 -44.23 8.37 19.32
N TRP A 230 -44.41 7.17 18.73
CA TRP A 230 -44.21 5.89 19.42
C TRP A 230 -43.05 5.11 18.80
N GLY A 231 -42.30 4.42 19.66
CA GLY A 231 -41.11 3.66 19.28
C GLY A 231 -41.33 2.16 19.34
N PRO A 232 -40.23 1.37 19.40
CA PRO A 232 -40.33 -0.09 19.47
C PRO A 232 -40.80 -0.60 20.83
N GLY A 233 -42.48 -2.76 20.42
CA GLY A 233 -42.92 -2.64 21.81
C GLY A 233 -43.78 -1.42 22.07
N ASP A 234 -44.17 -1.25 23.33
CA ASP A 234 -45.18 -0.27 23.72
C ASP A 234 -44.61 1.09 24.13
N SER A 235 -43.34 1.37 23.79
CA SER A 235 -42.64 2.55 24.31
C SER A 235 -43.02 3.83 23.55
N ARG A 236 -42.96 4.95 24.25
CA ARG A 236 -42.99 6.27 23.61
C ARG A 236 -41.63 6.53 22.95
N LEU A 237 -41.62 7.32 21.88
CA LEU A 237 -40.37 7.72 21.24
C LEU A 237 -39.97 9.04 21.89
N GLN A 238 -39.17 8.91 22.96
CA GLN A 238 -38.71 10.02 23.82
C GLN A 238 -37.28 9.77 24.30
N LEU A 239 -36.62 10.84 24.74
CA LEU A 239 -35.26 10.75 25.28
C LEU A 239 -34.35 10.01 24.28
N ASN A 240 -34.47 10.36 23.01
CA ASN A 240 -33.74 9.66 21.94
C ASN A 240 -32.39 10.36 21.70
N PHE A 241 -31.62 10.48 22.78
CA PHE A 241 -30.28 11.08 22.73
C PHE A 241 -29.26 10.13 23.31
N ARG A 242 -28.05 10.21 22.78
CA ARG A 242 -26.95 9.44 23.32
C ARG A 242 -26.27 10.22 24.44
N ALA A 243 -25.73 9.49 25.43
CA ALA A 243 -24.87 10.08 26.44
C ALA A 243 -23.60 10.75 25.88
N THR A 244 -23.12 11.73 26.64
CA THR A 244 -21.96 12.54 26.32
C THR A 244 -20.73 11.67 26.26
N GLN A 245 -19.88 11.89 25.27
CA GLN A 245 -18.66 11.12 25.08
C GLN A 245 -17.42 11.99 25.36
N PRO A 246 -16.33 11.36 25.83
CA PRO A 246 -15.10 12.14 26.06
C PRO A 246 -14.43 12.59 24.75
N LEU A 247 -13.85 13.80 24.81
CA LEU A 247 -13.09 14.35 23.68
C LEU A 247 -11.82 13.57 23.38
N ASN A 248 -11.21 12.95 24.40
CA ASN A 248 -9.97 12.18 24.18
C ASN A 248 -8.90 12.96 23.44
N GLY A 249 -8.71 14.21 23.84
CA GLY A 249 -7.67 15.02 23.27
C GLY A 249 -8.10 15.89 22.10
N ARG A 250 -9.26 15.61 21.49
CA ARG A 250 -9.81 16.49 20.45
C ARG A 250 -10.07 17.88 21.01
N VAL A 251 -9.78 18.91 20.21
CA VAL A 251 -10.06 20.28 20.63
C VAL A 251 -11.23 20.77 19.77
N ILE A 252 -12.26 21.32 20.41
CA ILE A 252 -13.40 21.87 19.67
C ILE A 252 -12.97 23.26 19.17
N GLU A 253 -13.22 23.52 17.90
CA GLU A 253 -12.89 24.82 17.32
C GLU A 253 -14.10 25.72 17.38
N ALA A 254 -13.84 27.02 17.37
CA ALA A 254 -14.89 28.05 17.37
C ALA A 254 -14.56 29.03 16.25
N SER A 255 -15.61 29.52 15.59
CA SER A 255 -15.48 30.43 14.46
C SER A 255 -15.47 31.90 14.89
N PHE A 256 -15.45 32.15 16.19
CA PHE A 256 -15.55 33.49 16.72
C PHE A 256 -14.69 33.57 17.99
N PRO A 257 -14.14 34.77 18.30
CA PRO A 257 -13.25 34.91 19.44
C PRO A 257 -13.97 34.86 20.76
N SER B 19 -4.47 16.46 -17.31
CA SER B 19 -5.45 16.24 -16.19
C SER B 19 -6.17 17.55 -15.82
N PRO B 20 -7.52 17.55 -15.87
CA PRO B 20 -8.28 18.78 -15.57
C PRO B 20 -8.16 19.27 -14.10
N ALA B 21 -7.78 18.37 -13.18
CA ALA B 21 -7.54 18.76 -11.80
C ALA B 21 -6.31 19.71 -11.64
N CYS B 22 -5.38 19.73 -12.61
CA CYS B 22 -4.28 20.71 -12.63
C CYS B 22 -4.74 22.15 -12.92
N ALA B 23 -6.02 22.29 -13.25
CA ALA B 23 -6.63 23.58 -13.44
C ALA B 23 -7.66 23.91 -12.36
N GLY B 24 -7.63 23.20 -11.23
CA GLY B 24 -8.55 23.50 -10.14
C GLY B 24 -8.24 24.84 -9.48
N ARG B 25 -9.22 25.33 -8.72
CA ARG B 25 -9.11 26.61 -8.05
C ARG B 25 -8.13 26.54 -6.83
N PHE B 26 -7.93 25.36 -6.27
CA PHE B 26 -7.26 25.18 -4.94
C PHE B 26 -6.04 24.27 -5.03
N GLN B 27 -5.01 24.81 -5.71
CA GLN B 27 -3.81 24.07 -6.05
C GLN B 27 -2.65 24.46 -5.14
N SER B 28 -1.60 23.64 -5.22
CA SER B 28 -0.36 23.85 -4.50
C SER B 28 0.76 23.83 -5.55
N PRO B 29 1.93 24.38 -5.20
CA PRO B 29 2.27 25.08 -3.97
C PRO B 29 1.75 26.50 -3.93
N VAL B 30 1.93 27.13 -2.77
CA VAL B 30 1.47 28.50 -2.54
C VAL B 30 2.57 29.32 -1.91
N ASP B 31 2.34 30.64 -1.93
CA ASP B 31 3.18 31.59 -1.23
C ASP B 31 2.60 31.78 0.12
N ILE B 32 3.38 31.45 1.15
CA ILE B 32 2.95 31.60 2.52
C ILE B 32 3.27 33.02 2.98
N ARG B 33 2.22 33.75 3.37
CA ARG B 33 2.34 35.08 3.93
CA ARG B 33 2.34 35.09 3.93
C ARG B 33 1.96 35.02 5.41
N PRO B 34 2.97 34.93 6.31
CA PRO B 34 2.66 34.67 7.73
C PRO B 34 1.73 35.66 8.38
N GLN B 35 1.79 36.92 7.95
CA GLN B 35 0.87 37.95 8.47
C GLN B 35 -0.58 37.69 8.15
N LEU B 36 -0.86 36.99 7.05
CA LEU B 36 -2.22 36.63 6.68
C LEU B 36 -2.62 35.23 7.15
N ALA B 37 -1.73 34.51 7.83
CA ALA B 37 -2.11 33.18 8.36
C ALA B 37 -2.96 33.31 9.62
N ALA B 38 -3.85 32.36 9.83
CA ALA B 38 -4.72 32.38 10.98
C ALA B 38 -4.13 31.48 12.07
N PHE B 39 -3.86 32.07 13.23
CA PHE B 39 -3.44 31.30 14.40
C PHE B 39 -4.59 30.42 14.83
N SER B 40 -4.34 29.11 14.83
CA SER B 40 -5.33 28.14 15.35
CA SER B 40 -5.31 28.13 15.27
C SER B 40 -4.67 27.30 16.41
N PRO B 41 -5.04 27.55 17.68
CA PRO B 41 -4.45 26.73 18.75
C PRO B 41 -4.91 25.27 18.80
N ALA B 42 -5.84 24.83 17.95
CA ALA B 42 -6.15 23.41 17.81
C ALA B 42 -5.03 22.61 17.13
N LEU B 43 -4.09 23.31 16.48
CA LEU B 43 -2.99 22.68 15.78
C LEU B 43 -1.88 22.33 16.77
N ARG B 44 -1.87 21.06 17.15
CA ARG B 44 -0.93 20.54 18.13
C ARG B 44 0.32 19.98 17.44
N PRO B 45 1.34 19.66 18.26
CA PRO B 45 2.55 19.10 17.65
C PRO B 45 2.29 17.82 16.87
N LEU B 46 2.91 17.73 15.70
CA LEU B 46 2.84 16.52 14.87
C LEU B 46 3.49 15.37 15.63
N GLU B 47 2.94 14.16 15.45
CA GLU B 47 3.45 12.96 16.14
C GLU B 47 3.77 11.90 15.09
N LEU B 48 4.97 11.35 15.20
CA LEU B 48 5.47 10.32 14.30
C LEU B 48 5.77 9.06 15.10
N LEU B 49 5.47 7.91 14.53
CA LEU B 49 5.79 6.63 15.19
C LEU B 49 6.35 5.70 14.12
N GLY B 50 7.46 5.03 14.43
CA GLY B 50 8.03 4.02 13.54
C GLY B 50 8.95 4.58 12.48
N PHE B 51 9.32 5.86 12.58
CA PHE B 51 10.18 6.45 11.57
C PHE B 51 11.67 6.06 11.71
N GLN B 52 12.07 5.55 12.87
CA GLN B 52 13.45 5.13 13.13
C GLN B 52 13.59 3.69 12.65
N LEU B 53 14.08 3.53 11.43
CA LEU B 53 14.10 2.23 10.78
C LEU B 53 15.39 1.48 11.09
N PRO B 54 15.32 0.14 11.17
CA PRO B 54 16.52 -0.68 11.14
C PRO B 54 17.17 -0.63 9.75
N PRO B 55 18.43 -1.02 9.63
CA PRO B 55 19.11 -0.95 8.33
C PRO B 55 18.55 -1.95 7.28
N LEU B 56 18.07 -3.10 7.73
CA LEU B 56 17.41 -4.06 6.84
C LEU B 56 15.97 -4.24 7.29
N PRO B 57 15.02 -4.39 6.33
CA PRO B 57 15.23 -4.40 4.87
C PRO B 57 15.60 -3.02 4.31
N GLU B 58 16.34 -3.03 3.21
CA GLU B 58 16.69 -1.83 2.51
C GLU B 58 15.48 -1.20 1.79
N LEU B 59 15.62 0.08 1.48
CA LEU B 59 14.60 0.88 0.85
CA LEU B 59 14.60 0.86 0.84
C LEU B 59 15.02 1.18 -0.57
N ARG B 60 14.05 1.47 -1.44
CA ARG B 60 14.36 1.79 -2.82
C ARG B 60 14.34 3.29 -3.05
N LEU B 61 15.43 3.77 -3.64
CA LEU B 61 15.67 5.16 -3.98
C LEU B 61 15.71 5.27 -5.48
N ARG B 62 14.83 6.08 -6.06
CA ARG B 62 14.61 6.10 -7.51
C ARG B 62 14.71 7.52 -8.08
N ASN B 63 15.46 7.63 -9.18
CA ASN B 63 15.39 8.80 -10.03
C ASN B 63 14.25 8.54 -11.00
N ASN B 64 13.13 9.21 -10.80
CA ASN B 64 11.95 8.98 -11.64
C ASN B 64 11.83 9.99 -12.80
N GLY B 65 12.85 10.81 -13.02
CA GLY B 65 12.80 11.81 -14.06
C GLY B 65 12.19 13.13 -13.65
N HIS B 66 11.36 13.14 -12.61
CA HIS B 66 10.79 14.38 -12.04
C HIS B 66 11.40 14.73 -10.66
N SER B 67 11.87 13.71 -9.93
CA SER B 67 12.42 13.89 -8.60
C SER B 67 13.26 12.66 -8.26
N VAL B 68 13.91 12.73 -7.11
CA VAL B 68 14.43 11.53 -6.44
C VAL B 68 13.47 11.16 -5.32
N GLN B 69 13.05 9.90 -5.32
CA GLN B 69 12.01 9.41 -4.44
C GLN B 69 12.54 8.21 -3.65
N LEU B 70 12.28 8.24 -2.34
CA LEU B 70 12.55 7.12 -1.45
C LEU B 70 11.22 6.50 -1.07
N THR B 71 11.02 5.24 -1.42
CA THR B 71 9.82 4.53 -1.06
C THR B 71 9.96 4.05 0.38
N LEU B 72 8.92 4.26 1.18
CA LEU B 72 8.97 3.96 2.60
C LEU B 72 8.24 2.65 2.87
N PRO B 73 8.69 1.91 3.90
CA PRO B 73 8.08 0.61 4.18
C PRO B 73 6.82 0.79 5.00
N PRO B 74 6.07 -0.32 5.19
CA PRO B 74 4.91 -0.21 6.09
C PRO B 74 5.38 0.03 7.52
N GLY B 75 4.42 0.69 8.45
CA GLY B 75 4.60 0.87 9.88
C GLY B 75 5.06 2.27 10.23
N LEU B 76 5.13 3.20 9.27
CA LEU B 76 5.45 4.61 9.59
C LEU B 76 4.15 5.35 9.77
N GLU B 77 3.82 5.70 11.02
CA GLU B 77 2.55 6.35 11.35
C GLU B 77 2.78 7.82 11.69
N MET B 78 1.88 8.67 11.22
CA MET B 78 1.93 10.10 11.45
C MET B 78 0.54 10.57 11.83
N ALA B 79 0.45 11.45 12.82
CA ALA B 79 -0.83 12.04 13.22
C ALA B 79 -0.74 13.57 13.17
N LEU B 80 -1.70 14.21 12.50
CA LEU B 80 -1.84 15.66 12.48
C LEU B 80 -2.55 16.14 13.72
N GLY B 81 -3.19 15.21 14.39
CA GLY B 81 -3.90 15.48 15.61
C GLY B 81 -4.53 14.16 16.05
N PRO B 82 -5.27 14.21 17.46
CA PRO B 82 -6.06 13.05 17.88
C PRO B 82 -7.11 12.74 16.80
N GLY B 83 -7.12 11.50 16.34
CA GLY B 83 -8.06 11.05 15.31
C GLY B 83 -7.73 11.35 13.86
N ARG B 84 -6.58 11.97 13.58
CA ARG B 84 -6.20 12.38 12.22
C ARG B 84 -4.93 11.59 11.85
N GLU B 85 -5.11 10.31 11.57
CA GLU B 85 -4.01 9.37 11.42
C GLU B 85 -3.72 8.98 9.98
N TYR B 86 -2.42 8.84 9.71
CA TYR B 86 -1.84 8.66 8.38
C TYR B 86 -0.69 7.64 8.40
N ARG B 87 -0.40 7.06 7.24
CA ARG B 87 0.73 6.15 7.05
C ARG B 87 1.62 6.71 5.97
N ALA B 88 2.92 6.75 6.20
CA ALA B 88 3.85 7.31 5.23
C ALA B 88 4.01 6.36 4.04
N LEU B 89 4.03 6.93 2.84
CA LEU B 89 4.22 6.20 1.56
C LEU B 89 5.60 6.36 0.98
N GLN B 90 6.04 7.60 0.89
CA GLN B 90 7.29 7.93 0.25
C GLN B 90 7.69 9.36 0.60
N LEU B 91 8.94 9.66 0.32
CA LEU B 91 9.40 11.03 0.32
C LEU B 91 10.20 11.35 -0.95
N HIS B 92 10.27 12.63 -1.28
CA HIS B 92 10.99 13.08 -2.44
C HIS B 92 11.40 14.53 -2.23
N LEU B 93 12.18 15.03 -3.17
CA LEU B 93 12.79 16.35 -3.07
C LEU B 93 12.51 17.24 -4.28
N HIS B 94 12.52 18.54 -4.02
CA HIS B 94 12.44 19.54 -5.05
C HIS B 94 13.63 20.48 -4.83
N TRP B 95 14.29 20.89 -5.92
CA TRP B 95 15.55 21.64 -5.85
C TRP B 95 15.74 22.51 -7.10
N GLY B 96 16.75 23.38 -7.05
CA GLY B 96 16.99 24.36 -8.12
C GLY B 96 18.19 24.00 -8.95
N ALA B 97 19.18 24.89 -8.98
CA ALA B 97 20.38 24.72 -9.79
C ALA B 97 21.42 25.70 -9.24
N ALA B 98 22.64 25.62 -9.77
CA ALA B 98 23.74 26.50 -9.34
C ALA B 98 23.29 27.96 -9.25
N GLY B 99 23.39 28.52 -8.05
CA GLY B 99 22.87 29.87 -7.76
C GLY B 99 21.39 30.14 -7.99
N ARG B 100 20.54 29.11 -7.97
CA ARG B 100 19.09 29.33 -8.14
C ARG B 100 18.30 28.43 -7.17
N PRO B 101 17.46 29.03 -6.31
CA PRO B 101 16.68 28.20 -5.38
C PRO B 101 15.57 27.42 -6.11
N GLY B 102 15.15 26.29 -5.53
CA GLY B 102 14.08 25.48 -6.11
C GLY B 102 13.08 24.84 -5.17
N SER B 103 12.83 25.45 -4.01
CA SER B 103 11.70 25.05 -3.19
C SER B 103 10.40 25.30 -3.96
N GLU B 104 9.34 24.54 -3.59
CA GLU B 104 8.02 24.70 -4.21
C GLU B 104 7.25 25.80 -3.51
N HIS B 105 7.10 25.66 -2.19
CA HIS B 105 6.55 26.73 -1.40
C HIS B 105 7.53 27.91 -1.29
N THR B 106 6.96 29.09 -1.14
CA THR B 106 7.70 30.30 -0.87
C THR B 106 7.14 30.93 0.39
N VAL B 107 7.95 31.78 1.04
CA VAL B 107 7.53 32.54 2.19
C VAL B 107 7.80 34.02 1.89
N GLU B 108 6.73 34.81 1.78
CA GLU B 108 6.78 36.22 1.41
C GLU B 108 7.60 36.44 0.13
N GLY B 109 7.38 35.57 -0.84
CA GLY B 109 8.10 35.60 -2.12
C GLY B 109 9.48 34.97 -2.08
N HIS B 110 9.99 34.59 -0.91
CA HIS B 110 11.33 34.00 -0.83
C HIS B 110 11.27 32.52 -1.18
N ARG B 111 12.10 32.10 -2.13
CA ARG B 111 12.25 30.70 -2.48
C ARG B 111 13.50 30.19 -1.83
N PHE B 112 13.41 29.00 -1.23
CA PHE B 112 14.51 28.40 -0.48
C PHE B 112 15.26 27.46 -1.41
N PRO B 113 16.48 27.05 -1.02
CA PRO B 113 17.29 26.25 -1.95
C PRO B 113 16.61 24.94 -2.42
N ALA B 114 15.98 24.23 -1.48
CA ALA B 114 15.31 22.98 -1.83
C ALA B 114 14.17 22.67 -0.84
N GLU B 115 13.44 21.59 -1.08
CA GLU B 115 12.31 21.24 -0.23
C GLU B 115 12.12 19.72 -0.20
N ILE B 116 11.83 19.18 0.99
CA ILE B 116 11.46 17.78 1.15
C ILE B 116 9.96 17.63 1.37
N HIS B 117 9.36 16.62 0.71
CA HIS B 117 7.97 16.25 0.89
C HIS B 117 7.88 14.78 1.34
N VAL B 118 7.16 14.54 2.41
CA VAL B 118 6.88 13.20 2.88
C VAL B 118 5.36 13.01 2.75
N VAL B 119 4.99 12.12 1.84
CA VAL B 119 3.59 11.92 1.45
C VAL B 119 3.00 10.77 2.24
N HIS B 120 1.80 10.98 2.78
CA HIS B 120 1.12 10.03 3.62
C HIS B 120 -0.32 9.76 3.15
N LEU B 121 -0.82 8.57 3.48
CA LEU B 121 -2.17 8.15 3.14
C LEU B 121 -2.98 8.03 4.42
N SER B 122 -4.19 8.58 4.42
CA SER B 122 -5.09 8.42 5.57
C SER B 122 -5.34 6.95 5.86
N THR B 123 -5.37 6.60 7.14
CA THR B 123 -5.58 5.20 7.55
C THR B 123 -6.95 4.72 7.12
N ALA B 124 -8.07 5.79 6.64
CA ALA B 124 -9.37 5.35 6.19
C ALA B 124 -9.31 4.69 4.81
N PHE B 125 -8.17 4.76 4.12
CA PHE B 125 -8.05 4.33 2.74
C PHE B 125 -6.94 3.30 2.63
N ALA B 126 -7.23 2.21 1.94
CA ALA B 126 -6.25 1.17 1.68
C ALA B 126 -5.34 1.53 0.52
N ARG B 127 -5.78 2.37 -0.40
CA ARG B 127 -5.00 2.68 -1.58
C ARG B 127 -5.02 4.16 -1.90
N VAL B 128 -3.92 4.63 -2.48
CA VAL B 128 -3.80 6.00 -2.98
C VAL B 128 -4.98 6.40 -3.89
N ASP B 129 -5.32 5.54 -4.85
CA ASP B 129 -6.36 5.96 -5.81
C ASP B 129 -7.75 6.13 -5.19
N GLU B 130 -8.03 5.48 -4.07
CA GLU B 130 -9.25 5.77 -3.29
C GLU B 130 -9.21 7.12 -2.56
N ALA B 131 -8.01 7.57 -2.21
CA ALA B 131 -7.81 8.82 -1.48
C ALA B 131 -7.78 10.06 -2.33
N LEU B 132 -7.39 9.92 -3.60
CA LEU B 132 -7.22 11.06 -4.50
C LEU B 132 -8.49 11.86 -4.61
N GLY B 133 -8.37 13.16 -4.39
CA GLY B 133 -9.52 14.04 -4.40
C GLY B 133 -10.46 13.95 -3.21
N ARG B 134 -10.19 13.11 -2.21
CA ARG B 134 -11.09 12.99 -1.06
C ARG B 134 -10.53 13.89 0.06
N PRO B 135 -11.40 14.52 0.86
CA PRO B 135 -10.92 15.50 1.85
C PRO B 135 -10.03 14.82 2.88
N GLY B 136 -8.79 15.30 2.99
CA GLY B 136 -7.83 14.74 3.95
C GLY B 136 -7.33 13.33 3.64
N GLY B 137 -7.60 12.85 2.42
CA GLY B 137 -7.15 11.51 2.03
C GLY B 137 -5.64 11.37 1.99
N LEU B 138 -4.94 12.43 1.54
CA LEU B 138 -3.48 12.48 1.51
C LEU B 138 -3.03 13.65 2.38
N ALA B 139 -1.90 13.49 3.03
CA ALA B 139 -1.29 14.55 3.82
C ALA B 139 0.20 14.59 3.49
N VAL B 140 0.75 15.77 3.26
CA VAL B 140 2.18 15.91 2.99
C VAL B 140 2.81 16.76 4.08
N LEU B 141 3.97 16.33 4.56
CA LEU B 141 4.83 17.13 5.44
C LEU B 141 5.93 17.73 4.60
N ALA B 142 6.06 19.04 4.66
CA ALA B 142 7.01 19.74 3.83
C ALA B 142 7.97 20.56 4.71
N ALA B 143 9.26 20.47 4.42
CA ALA B 143 10.25 21.33 5.07
C ALA B 143 11.20 21.91 4.04
N PHE B 144 11.65 23.12 4.30
CA PHE B 144 12.64 23.78 3.44
C PHE B 144 14.02 23.28 3.81
N LEU B 145 14.86 23.13 2.79
CA LEU B 145 16.27 22.83 2.97
C LEU B 145 17.11 24.10 2.67
N GLU B 146 17.99 24.47 3.61
CA GLU B 146 18.85 25.66 3.52
C GLU B 146 20.31 25.24 3.76
N GLU B 147 21.25 26.13 3.43
CA GLU B 147 22.64 25.85 3.62
C GLU B 147 22.99 26.04 5.09
N GLY B 148 23.61 25.02 5.66
CA GLY B 148 24.25 25.09 6.96
C GLY B 148 25.75 24.78 6.84
N PRO B 149 26.48 24.91 7.94
CA PRO B 149 27.93 24.70 7.95
C PRO B 149 28.39 23.26 7.96
N GLU B 150 27.52 22.34 8.35
CA GLU B 150 27.89 20.95 8.56
C GLU B 150 27.28 20.03 7.52
N GLU B 151 27.99 18.95 7.23
CA GLU B 151 27.39 17.82 6.53
C GLU B 151 26.22 17.25 7.32
N ASN B 152 25.04 17.19 6.74
CA ASN B 152 23.89 16.57 7.38
C ASN B 152 24.02 15.06 7.18
N SER B 153 24.25 14.31 8.25
CA SER B 153 24.56 12.90 8.10
C SER B 153 23.35 12.06 7.61
N ALA B 154 22.12 12.40 8.00
CA ALA B 154 20.96 11.67 7.49
C ALA B 154 20.83 11.87 5.97
N TYR B 155 20.89 13.13 5.51
CA TYR B 155 20.83 13.40 4.09
C TYR B 155 21.99 12.75 3.33
N GLU B 156 23.17 12.64 3.96
CA GLU B 156 24.34 12.07 3.28
C GLU B 156 24.09 10.62 2.85
N GLN B 157 23.27 9.92 3.61
CA GLN B 157 22.92 8.53 3.25
C GLN B 157 22.20 8.43 1.90
N LEU B 158 21.43 9.45 1.55
CA LEU B 158 20.77 9.46 0.28
C LEU B 158 21.63 10.14 -0.75
N LEU B 159 22.20 11.30 -0.40
CA LEU B 159 22.93 12.11 -1.37
C LEU B 159 24.19 11.39 -1.90
N SER B 160 24.83 10.57 -1.06
CA SER B 160 25.99 9.78 -1.48
C SER B 160 25.65 8.70 -2.52
N ARG B 161 24.36 8.44 -2.72
CA ARG B 161 23.89 7.47 -3.70
C ARG B 161 23.37 8.05 -5.00
N LEU B 162 23.30 9.38 -5.14
CA LEU B 162 22.75 9.96 -6.34
C LEU B 162 23.53 9.60 -7.60
N GLU B 163 24.84 9.46 -7.48
CA GLU B 163 25.68 9.11 -8.62
C GLU B 163 25.27 7.75 -9.22
N GLU B 164 24.88 6.80 -8.36
CA GLU B 164 24.34 5.50 -8.80
C GLU B 164 23.07 5.61 -9.63
N ILE B 165 22.27 6.66 -9.41
CA ILE B 165 20.98 6.81 -10.06
C ILE B 165 20.92 8.08 -10.95
N ALA B 166 22.06 8.46 -11.53
CA ALA B 166 22.15 9.66 -12.35
C ALA B 166 21.21 9.59 -13.55
N GLU B 167 21.05 8.38 -14.10
CA GLU B 167 20.22 8.18 -15.26
C GLU B 167 18.73 8.21 -14.89
N GLU B 168 17.95 8.93 -15.69
CA GLU B 168 16.49 8.91 -15.61
C GLU B 168 15.98 7.47 -15.55
N GLY B 169 15.07 7.21 -14.63
CA GLY B 169 14.50 5.89 -14.46
C GLY B 169 15.35 4.84 -13.77
N SER B 170 16.46 5.22 -13.14
CA SER B 170 17.29 4.27 -12.44
C SER B 170 16.96 4.23 -10.95
N GLU B 171 17.35 3.16 -10.29
CA GLU B 171 17.12 3.02 -8.84
C GLU B 171 18.21 2.23 -8.15
N THR B 172 18.26 2.38 -6.84
CA THR B 172 19.22 1.70 -6.02
C THR B 172 18.61 1.41 -4.65
N GLN B 173 19.17 0.43 -3.96
CA GLN B 173 18.70 0.10 -2.61
C GLN B 173 19.59 0.82 -1.60
N VAL B 174 18.97 1.34 -0.54
CA VAL B 174 19.70 2.00 0.53
C VAL B 174 19.26 1.43 1.87
N PRO B 175 20.20 1.34 2.83
CA PRO B 175 19.80 0.90 4.16
C PRO B 175 18.75 1.80 4.79
N GLY B 176 17.89 1.23 5.59
CA GLY B 176 16.98 2.02 6.41
C GLY B 176 17.76 2.98 7.30
N LEU B 177 17.11 4.07 7.64
CA LEU B 177 17.73 5.12 8.46
C LEU B 177 16.61 5.78 9.26
N ASP B 178 16.98 6.72 10.11
CA ASP B 178 15.99 7.54 10.83
C ASP B 178 15.39 8.56 9.87
N ILE B 179 14.22 8.23 9.35
CA ILE B 179 13.52 9.07 8.40
C ILE B 179 13.16 10.42 9.05
N SER B 180 12.83 10.41 10.35
CA SER B 180 12.55 11.68 11.07
C SER B 180 13.76 12.63 11.12
N ALA B 181 14.97 12.10 10.96
CA ALA B 181 16.18 12.92 10.91
C ALA B 181 16.33 13.70 9.61
N LEU B 182 15.47 13.46 8.62
CA LEU B 182 15.42 14.30 7.40
C LEU B 182 14.48 15.52 7.56
N LEU B 183 13.78 15.60 8.69
CA LEU B 183 12.84 16.65 8.97
C LEU B 183 13.35 17.50 10.14
N PRO B 184 12.81 18.71 10.30
CA PRO B 184 13.19 19.59 11.43
C PRO B 184 12.88 18.97 12.79
N SER B 185 13.63 19.32 13.83
CA SER B 185 13.33 18.80 15.18
C SER B 185 12.08 19.47 15.79
N ASP B 186 11.74 20.66 15.33
CA ASP B 186 10.56 21.38 15.85
C ASP B 186 9.31 20.94 15.09
N PHE B 187 8.51 20.11 15.74
CA PHE B 187 7.24 19.63 15.19
C PHE B 187 6.01 20.41 15.69
N SER B 188 6.26 21.50 16.41
CA SER B 188 5.19 22.29 17.05
CA SER B 188 5.18 22.28 17.05
C SER B 188 4.78 23.50 16.23
N ARG B 189 5.72 24.04 15.44
CA ARG B 189 5.53 25.29 14.72
C ARG B 189 5.47 25.03 13.21
N TYR B 190 4.26 25.23 12.65
CA TYR B 190 4.04 24.93 11.26
C TYR B 190 2.86 25.72 10.68
N PHE B 191 2.81 25.78 9.37
CA PHE B 191 1.67 26.26 8.65
C PHE B 191 0.90 25.07 8.11
N GLN B 192 -0.42 25.21 7.96
CA GLN B 192 -1.19 24.14 7.38
C GLN B 192 -2.30 24.69 6.49
N TYR B 193 -2.44 24.08 5.32
CA TYR B 193 -3.53 24.48 4.43
C TYR B 193 -3.97 23.30 3.60
N GLU B 194 -5.11 23.46 2.93
CA GLU B 194 -5.62 22.44 2.02
C GLU B 194 -5.35 22.82 0.56
N GLY B 195 -4.81 21.86 -0.18
CA GLY B 195 -4.33 22.10 -1.52
C GLY B 195 -4.32 20.85 -2.36
N SER B 196 -3.31 20.71 -3.19
CA SER B 196 -3.29 19.67 -4.21
C SER B 196 -1.94 19.02 -4.32
N LEU B 197 -1.89 17.93 -5.08
CA LEU B 197 -0.64 17.40 -5.57
C LEU B 197 -0.06 18.42 -6.54
N THR B 198 1.27 18.44 -6.68
CA THR B 198 1.97 19.43 -7.51
C THR B 198 2.46 18.85 -8.84
N THR B 199 2.00 17.65 -9.14
CA THR B 199 2.32 16.93 -10.35
C THR B 199 1.02 16.27 -10.75
N PRO B 200 0.82 15.97 -12.06
CA PRO B 200 -0.44 15.31 -12.45
C PRO B 200 -0.63 14.03 -11.69
N PRO B 201 -1.86 13.72 -11.26
CA PRO B 201 -3.15 14.37 -11.59
C PRO B 201 -3.54 15.66 -10.80
N CYS B 202 -2.66 16.23 -9.98
CA CYS B 202 -2.95 17.45 -9.22
C CYS B 202 -4.26 17.39 -8.44
N ALA B 203 -4.60 16.22 -7.90
CA ALA B 203 -5.84 16.06 -7.15
C ALA B 203 -5.87 16.97 -5.93
N GLN B 204 -7.04 17.54 -5.64
CA GLN B 204 -7.21 18.41 -4.47
C GLN B 204 -7.57 17.58 -3.22
N GLY B 205 -7.83 18.25 -2.12
CA GLY B 205 -8.05 17.58 -0.84
C GLY B 205 -6.81 17.19 -0.05
N VAL B 206 -5.64 17.62 -0.48
CA VAL B 206 -4.38 17.24 0.14
C VAL B 206 -4.12 18.22 1.29
N ILE B 207 -3.87 17.69 2.48
CA ILE B 207 -3.50 18.55 3.61
CA ILE B 207 -3.49 18.52 3.64
C ILE B 207 -1.99 18.73 3.63
N TRP B 208 -1.56 19.98 3.46
CA TRP B 208 -0.15 20.37 3.42
C TRP B 208 0.23 20.96 4.76
N THR B 209 1.32 20.46 5.34
CA THR B 209 1.88 21.00 6.57
C THR B 209 3.30 21.43 6.24
N VAL B 210 3.60 22.71 6.44
CA VAL B 210 4.91 23.27 6.13
C VAL B 210 5.52 23.76 7.44
N PHE B 211 6.66 23.17 7.80
CA PHE B 211 7.37 23.49 9.04
C PHE B 211 7.96 24.90 9.02
N ASN B 212 7.89 25.55 10.17
CA ASN B 212 8.54 26.86 10.45
C ASN B 212 10.07 26.67 10.33
N GLN B 213 10.58 25.70 11.07
CA GLN B 213 12.03 25.43 11.12
C GLN B 213 12.50 24.75 9.85
N THR B 214 13.68 25.13 9.37
CA THR B 214 14.25 24.54 8.18
C THR B 214 15.30 23.49 8.54
N VAL B 215 15.68 22.68 7.55
CA VAL B 215 16.70 21.65 7.67
CA VAL B 215 16.76 21.73 7.78
C VAL B 215 17.97 22.15 6.98
N MET B 216 19.14 21.91 7.55
CA MET B 216 20.41 22.43 6.98
C MET B 216 21.22 21.33 6.29
N LEU B 217 21.66 21.60 5.07
CA LEU B 217 22.60 20.76 4.34
C LEU B 217 23.83 21.64 4.03
N SER B 218 24.97 21.00 3.81
CA SER B 218 26.19 21.71 3.44
C SER B 218 26.04 22.20 2.00
N ALA B 219 26.82 23.21 1.64
CA ALA B 219 26.87 23.67 0.24
C ALA B 219 27.15 22.50 -0.72
N LYS B 220 28.07 21.62 -0.34
CA LYS B 220 28.46 20.48 -1.13
C LYS B 220 27.25 19.56 -1.34
N GLN B 221 26.50 19.33 -0.26
CA GLN B 221 25.28 18.50 -0.35
C GLN B 221 24.25 19.10 -1.29
N LEU B 222 24.04 20.40 -1.20
CA LEU B 222 23.08 21.07 -2.07
C LEU B 222 23.52 21.01 -3.51
N HIS B 223 24.83 21.15 -3.75
CA HIS B 223 25.38 21.04 -5.12
CA HIS B 223 25.28 21.05 -5.12
C HIS B 223 25.23 19.60 -5.64
N THR B 224 25.47 18.61 -4.77
CA THR B 224 25.28 17.19 -5.17
C THR B 224 23.81 16.94 -5.61
N LEU B 225 22.88 17.47 -4.83
CA LEU B 225 21.46 17.29 -5.11
C LEU B 225 21.06 17.85 -6.48
N SER B 226 21.56 19.05 -6.79
CA SER B 226 21.16 19.76 -8.01
C SER B 226 21.98 19.40 -9.26
N ASP B 227 23.18 18.83 -9.10
CA ASP B 227 24.11 18.66 -10.22
CA ASP B 227 24.11 18.66 -10.23
C ASP B 227 24.37 17.20 -10.61
N THR B 228 23.72 16.24 -9.95
CA THR B 228 24.01 14.83 -10.19
C THR B 228 23.00 14.12 -11.11
N LEU B 229 21.71 14.46 -11.05
CA LEU B 229 20.67 13.64 -11.67
C LEU B 229 20.27 14.19 -13.03
N TRP B 230 19.92 13.29 -13.95
CA TRP B 230 19.46 13.64 -15.29
C TRP B 230 18.01 13.25 -15.44
N GLY B 231 17.29 13.99 -16.26
CA GLY B 231 15.86 13.81 -16.44
C GLY B 231 15.54 13.49 -17.88
N PRO B 232 14.28 13.80 -18.31
CA PRO B 232 13.87 13.43 -19.67
C PRO B 232 14.54 14.29 -20.74
N GLY B 233 15.01 13.10 -23.03
CA GLY B 233 15.96 14.12 -23.46
C GLY B 233 17.28 14.04 -22.73
N ASP B 234 18.23 14.87 -23.15
CA ASP B 234 19.57 14.90 -22.55
C ASP B 234 19.70 16.07 -21.57
N SER B 235 18.70 16.24 -20.69
CA SER B 235 18.63 17.41 -19.79
C SER B 235 18.87 17.02 -18.33
N ARG B 236 19.49 17.94 -17.60
CA ARG B 236 19.71 17.80 -16.17
C ARG B 236 18.40 17.89 -15.39
N LEU B 237 18.27 17.12 -14.33
CA LEU B 237 17.08 17.19 -13.47
C LEU B 237 17.33 18.30 -12.45
N GLN B 238 16.81 19.48 -12.75
CA GLN B 238 17.01 20.71 -11.99
C GLN B 238 15.73 21.53 -12.06
N LEU B 239 15.58 22.46 -11.13
CA LEU B 239 14.44 23.39 -11.12
C LEU B 239 13.12 22.63 -11.24
N ASN B 240 13.01 21.51 -10.51
CA ASN B 240 11.85 20.63 -10.58
C ASN B 240 10.80 21.06 -9.55
N PHE B 241 10.35 22.30 -9.68
CA PHE B 241 9.30 22.86 -8.84
C PHE B 241 8.22 23.46 -9.71
N ARG B 242 7.00 23.32 -9.24
CA ARG B 242 5.86 23.97 -9.87
C ARG B 242 5.77 25.41 -9.41
N ALA B 243 5.30 26.27 -10.32
CA ALA B 243 5.05 27.69 -10.01
C ALA B 243 4.03 27.83 -8.90
N THR B 244 4.16 28.88 -8.10
CA THR B 244 3.19 29.08 -7.02
CA THR B 244 3.23 29.26 -7.06
C THR B 244 1.81 29.40 -7.61
N GLN B 245 0.82 28.90 -6.89
CA GLN B 245 -0.57 28.93 -7.25
C GLN B 245 -1.27 29.86 -6.28
N PRO B 246 -2.27 30.62 -6.76
CA PRO B 246 -2.97 31.58 -5.87
C PRO B 246 -3.75 30.88 -4.78
N LEU B 247 -3.79 31.47 -3.60
CA LEU B 247 -4.60 30.93 -2.51
C LEU B 247 -6.09 30.91 -2.86
N ASN B 248 -6.53 31.91 -3.63
CA ASN B 248 -7.92 31.96 -4.12
C ASN B 248 -8.96 31.92 -3.00
N GLY B 249 -8.62 32.59 -1.89
CA GLY B 249 -9.50 32.73 -0.74
C GLY B 249 -9.31 31.75 0.40
N ARG B 250 -8.49 30.72 0.20
CA ARG B 250 -8.11 29.81 1.26
C ARG B 250 -7.32 30.61 2.27
N VAL B 251 -7.46 30.25 3.54
CA VAL B 251 -6.72 30.89 4.59
C VAL B 251 -5.71 29.85 5.08
N ILE B 252 -4.42 30.19 5.09
CA ILE B 252 -3.40 29.31 5.68
C ILE B 252 -3.47 29.41 7.20
N GLU B 253 -3.48 28.28 7.88
CA GLU B 253 -3.43 28.27 9.35
C GLU B 253 -1.99 28.12 9.87
N ALA B 254 -1.74 28.69 11.05
CA ALA B 254 -0.46 28.60 11.74
C ALA B 254 -0.72 28.05 13.12
N SER B 255 0.19 27.18 13.58
CA SER B 255 0.10 26.62 14.92
C SER B 255 0.65 27.57 16.03
N PHE B 256 1.02 28.78 15.68
CA PHE B 256 1.63 29.76 16.60
C PHE B 256 1.14 31.16 16.15
N PRO B 257 1.03 32.09 17.11
CA PRO B 257 0.54 33.44 16.81
C PRO B 257 1.58 34.32 16.12
N SER C 19 -7.86 -7.52 -21.06
CA SER C 19 -6.38 -7.39 -20.94
C SER C 19 -5.65 -8.48 -21.74
N PRO C 20 -4.56 -8.12 -22.45
CA PRO C 20 -3.73 -9.12 -23.16
C PRO C 20 -3.22 -10.27 -22.27
N ALA C 21 -2.96 -9.99 -21.00
CA ALA C 21 -2.50 -11.01 -20.06
C ALA C 21 -3.50 -12.16 -19.81
N CYS C 22 -4.81 -11.92 -20.03
CA CYS C 22 -5.83 -12.98 -19.87
C CYS C 22 -5.78 -14.04 -20.97
N ALA C 23 -4.93 -13.80 -21.96
CA ALA C 23 -4.60 -14.74 -23.02
C ALA C 23 -3.19 -15.35 -22.84
N GLY C 24 -2.62 -15.28 -21.63
CA GLY C 24 -1.33 -15.89 -21.37
C GLY C 24 -1.41 -17.41 -21.28
N ARG C 25 -0.26 -18.06 -21.45
CA ARG C 25 -0.14 -19.52 -21.43
C ARG C 25 -0.28 -20.14 -20.03
N PHE C 26 0.04 -19.37 -19.00
CA PHE C 26 0.13 -19.89 -17.60
C PHE C 26 -0.86 -19.23 -16.64
N GLN C 27 -2.13 -19.53 -16.87
CA GLN C 27 -3.26 -18.94 -16.15
C GLN C 27 -3.79 -19.84 -15.02
N SER C 28 -4.65 -19.24 -14.20
CA SER C 28 -5.34 -19.91 -13.12
C SER C 28 -6.84 -19.64 -13.32
N PRO C 29 -7.71 -20.42 -12.67
CA PRO C 29 -7.43 -21.57 -11.85
C PRO C 29 -7.11 -22.80 -12.72
N VAL C 30 -6.67 -23.86 -12.06
CA VAL C 30 -6.33 -25.12 -12.72
C VAL C 30 -7.01 -26.29 -12.00
N ASP C 31 -7.00 -27.43 -12.68
CA ASP C 31 -7.50 -28.68 -12.12
C ASP C 31 -6.33 -29.39 -11.50
N ILE C 32 -6.40 -29.62 -10.20
CA ILE C 32 -5.32 -30.24 -9.47
C ILE C 32 -5.51 -31.76 -9.56
N ARG C 33 -4.46 -32.47 -9.99
CA ARG C 33 -4.48 -33.94 -10.12
C ARG C 33 -3.40 -34.47 -9.18
N PRO C 34 -3.77 -34.87 -7.96
CA PRO C 34 -2.73 -35.18 -6.96
C PRO C 34 -1.70 -36.25 -7.38
N GLN C 35 -2.07 -37.14 -8.29
CA GLN C 35 -1.16 -38.18 -8.81
C GLN C 35 -0.04 -37.59 -9.65
N LEU C 36 -0.34 -36.49 -10.37
CA LEU C 36 0.67 -35.80 -11.19
C LEU C 36 1.48 -34.73 -10.42
N ALA C 37 1.20 -34.54 -9.12
CA ALA C 37 1.86 -33.52 -8.33
C ALA C 37 3.21 -34.03 -7.92
N ALA C 38 4.19 -33.15 -7.90
CA ALA C 38 5.53 -33.51 -7.50
C ALA C 38 5.66 -33.25 -6.01
N PHE C 39 5.93 -34.31 -5.25
CA PHE C 39 6.25 -34.17 -3.83
C PHE C 39 7.56 -33.40 -3.69
N SER C 40 7.52 -32.32 -2.91
CA SER C 40 8.68 -31.46 -2.75
C SER C 40 8.90 -31.14 -1.28
N PRO C 41 9.81 -31.90 -0.62
CA PRO C 41 10.03 -31.73 0.81
C PRO C 41 10.63 -30.40 1.24
N ALA C 42 11.08 -29.55 0.30
CA ALA C 42 11.48 -28.17 0.64
C ALA C 42 10.30 -27.29 1.09
N LEU C 43 9.09 -27.67 0.68
CA LEU C 43 7.87 -26.96 1.06
C LEU C 43 7.53 -27.17 2.52
N ARG C 44 7.81 -26.14 3.33
CA ARG C 44 7.58 -26.18 4.78
C ARG C 44 6.19 -25.67 5.17
N PRO C 45 5.81 -25.85 6.44
CA PRO C 45 4.53 -25.29 6.86
C PRO C 45 4.48 -23.76 6.72
N LEU C 46 3.34 -23.26 6.25
CA LEU C 46 3.10 -21.83 6.08
C LEU C 46 3.05 -21.20 7.46
N GLU C 47 3.60 -19.99 7.58
CA GLU C 47 3.58 -19.24 8.83
C GLU C 47 2.87 -17.91 8.63
N LEU C 48 1.96 -17.60 9.55
CA LEU C 48 1.16 -16.36 9.53
C LEU C 48 1.40 -15.60 10.83
N LEU C 49 1.59 -14.30 10.74
CA LEU C 49 1.71 -13.42 11.92
C LEU C 49 0.73 -12.29 11.76
N GLY C 50 0.05 -11.91 12.86
CA GLY C 50 -0.80 -10.73 12.87
C GLY C 50 -2.21 -10.95 12.37
N PHE C 51 -2.59 -12.20 12.12
CA PHE C 51 -3.92 -12.50 11.57
C PHE C 51 -5.04 -12.49 12.62
N GLN C 52 -4.71 -12.56 13.90
CA GLN C 52 -5.73 -12.53 14.96
C GLN C 52 -6.04 -11.08 15.30
N LEU C 53 -6.99 -10.51 14.58
CA LEU C 53 -7.28 -9.08 14.71
C LEU C 53 -8.28 -8.78 15.83
N PRO C 54 -8.11 -7.62 16.48
CA PRO C 54 -9.07 -7.14 17.46
C PRO C 54 -10.33 -6.57 16.77
N PRO C 55 -11.43 -6.37 17.53
CA PRO C 55 -12.65 -5.82 16.95
C PRO C 55 -12.45 -4.48 16.23
N LEU C 56 -11.63 -3.59 16.81
CA LEU C 56 -11.33 -2.28 16.21
C LEU C 56 -9.85 -2.18 15.85
N PRO C 57 -9.52 -1.50 14.73
CA PRO C 57 -10.45 -0.79 13.81
C PRO C 57 -11.25 -1.74 12.93
N GLU C 58 -12.44 -1.30 12.52
CA GLU C 58 -13.27 -2.12 11.66
C GLU C 58 -12.65 -2.22 10.26
N LEU C 59 -13.08 -3.24 9.53
CA LEU C 59 -12.65 -3.58 8.18
C LEU C 59 -13.77 -3.33 7.18
N ARG C 60 -13.41 -2.96 5.96
CA ARG C 60 -14.41 -2.70 4.93
C ARG C 60 -14.72 -3.99 4.17
N LEU C 61 -16.02 -4.34 4.13
CA LEU C 61 -16.55 -5.49 3.42
C LEU C 61 -17.42 -4.95 2.29
N ARG C 62 -17.07 -5.32 1.05
CA ARG C 62 -17.66 -4.71 -0.15
C ARG C 62 -18.18 -5.75 -1.14
N ASN C 63 -19.39 -5.53 -1.63
CA ASN C 63 -19.91 -6.20 -2.82
C ASN C 63 -19.40 -5.43 -4.05
N ASN C 64 -18.35 -5.92 -4.69
CA ASN C 64 -17.80 -5.24 -5.87
C ASN C 64 -18.44 -5.70 -7.22
N GLY C 65 -19.47 -6.54 -7.15
CA GLY C 65 -20.14 -7.04 -8.36
C GLY C 65 -19.56 -8.32 -8.93
N HIS C 66 -18.30 -8.63 -8.60
CA HIS C 66 -17.66 -9.88 -8.99
C HIS C 66 -17.49 -10.85 -7.80
N SER C 67 -17.37 -10.33 -6.59
CA SER C 67 -17.22 -11.14 -5.38
C SER C 67 -17.60 -10.28 -4.15
N VAL C 68 -17.53 -10.86 -2.97
CA VAL C 68 -17.53 -10.10 -1.72
C VAL C 68 -16.08 -10.08 -1.25
N GLN C 69 -15.57 -8.88 -1.00
CA GLN C 69 -14.18 -8.65 -0.65
C GLN C 69 -14.04 -7.96 0.72
N LEU C 70 -13.13 -8.49 1.52
CA LEU C 70 -12.77 -7.91 2.81
C LEU C 70 -11.38 -7.32 2.70
N THR C 71 -11.26 -6.01 2.89
CA THR C 71 -9.95 -5.34 2.88
C THR C 71 -9.25 -5.58 4.21
N LEU C 72 -8.01 -6.04 4.13
CA LEU C 72 -7.23 -6.37 5.31
C LEU C 72 -6.34 -5.20 5.71
N PRO C 73 -6.10 -5.04 7.02
CA PRO C 73 -5.27 -3.89 7.42
C PRO C 73 -3.79 -4.19 7.29
N PRO C 74 -2.94 -3.17 7.49
CA PRO C 74 -1.52 -3.43 7.53
C PRO C 74 -1.14 -4.27 8.75
N GLY C 75 0.20 -5.17 8.54
CA GLY C 75 0.70 -5.96 9.66
C GLY C 75 0.27 -7.40 9.62
N LEU C 76 -0.38 -7.85 8.54
CA LEU C 76 -0.65 -9.28 8.35
C LEU C 76 0.45 -9.89 7.48
N GLU C 77 1.32 -10.67 8.11
CA GLU C 77 2.53 -11.18 7.45
C GLU C 77 2.41 -12.66 7.23
N MET C 78 2.90 -13.10 6.07
CA MET C 78 2.80 -14.50 5.68
C MET C 78 4.10 -14.91 5.01
N ALA C 79 4.65 -16.05 5.40
CA ALA C 79 5.85 -16.59 4.76
C ALA C 79 5.53 -17.95 4.11
N LEU C 80 5.86 -18.08 2.83
CA LEU C 80 5.76 -19.37 2.13
C LEU C 80 6.96 -20.24 2.47
N GLY C 81 7.98 -19.59 3.01
CA GLY C 81 9.18 -20.24 3.42
C GLY C 81 10.03 -19.12 3.96
N PRO C 82 11.69 -19.94 4.24
CA PRO C 82 12.68 -18.93 4.57
C PRO C 82 12.92 -18.00 3.37
N GLY C 83 12.85 -16.69 3.59
CA GLY C 83 13.07 -15.73 2.52
C GLY C 83 11.94 -15.47 1.53
N ARG C 84 10.73 -15.99 1.75
CA ARG C 84 9.60 -15.80 0.83
C ARG C 84 8.45 -15.16 1.62
N GLU C 85 8.55 -13.84 1.81
CA GLU C 85 7.71 -13.11 2.75
C GLU C 85 6.71 -12.20 2.03
N TYR C 86 5.50 -12.14 2.58
CA TYR C 86 4.36 -11.47 1.98
C TYR C 86 3.56 -10.71 3.05
N ARG C 87 2.77 -9.73 2.58
CA ARG C 87 1.81 -9.01 3.42
C ARG C 87 0.41 -9.18 2.83
N ALA C 88 -0.58 -9.47 3.68
CA ALA C 88 -1.94 -9.68 3.20
C ALA C 88 -2.64 -8.37 2.83
N LEU C 89 -3.35 -8.39 1.69
CA LEU C 89 -4.07 -7.24 1.16
C LEU C 89 -5.57 -7.32 1.36
N GLN C 90 -6.13 -8.48 1.05
CA GLN C 90 -7.57 -8.64 1.04
C GLN C 90 -7.92 -10.12 0.96
N LEU C 91 -9.17 -10.41 1.25
CA LEU C 91 -9.69 -11.71 0.95
C LEU C 91 -11.03 -11.60 0.27
N HIS C 92 -11.39 -12.67 -0.43
CA HIS C 92 -12.65 -12.73 -1.15
C HIS C 92 -13.00 -14.18 -1.41
N LEU C 93 -14.20 -14.39 -1.94
CA LEU C 93 -14.78 -15.72 -2.07
C LEU C 93 -15.31 -15.96 -3.48
N HIS C 94 -15.34 -17.22 -3.88
CA HIS C 94 -15.96 -17.63 -5.13
C HIS C 94 -16.95 -18.73 -4.77
N TRP C 95 -18.13 -18.68 -5.37
CA TRP C 95 -19.23 -19.59 -5.01
C TRP C 95 -20.13 -19.91 -6.20
N GLY C 96 -21.04 -20.85 -5.98
CA GLY C 96 -21.92 -21.33 -7.03
C GLY C 96 -23.34 -20.81 -6.88
N ALA C 97 -24.29 -21.74 -6.81
CA ALA C 97 -25.72 -21.44 -6.77
C ALA C 97 -26.43 -22.69 -6.26
N ALA C 98 -27.74 -22.62 -6.09
CA ALA C 98 -28.51 -23.73 -5.50
C ALA C 98 -28.18 -25.05 -6.19
N GLY C 99 -27.58 -25.97 -5.45
CA GLY C 99 -27.16 -27.29 -5.97
C GLY C 99 -26.12 -27.30 -7.09
N ARG C 100 -25.31 -26.24 -7.18
CA ARG C 100 -24.24 -26.14 -8.20
C ARG C 100 -22.97 -25.65 -7.51
N PRO C 101 -21.87 -26.44 -7.59
CA PRO C 101 -20.63 -26.01 -6.93
C PRO C 101 -19.99 -24.81 -7.64
N GLY C 102 -19.17 -24.06 -6.91
CA GLY C 102 -18.59 -22.83 -7.43
C GLY C 102 -17.15 -22.48 -7.09
N SER C 103 -16.37 -23.46 -6.62
CA SER C 103 -14.92 -23.27 -6.41
C SER C 103 -14.26 -22.99 -7.75
N GLU C 104 -13.09 -22.34 -7.71
CA GLU C 104 -12.36 -22.01 -8.94
C GLU C 104 -11.44 -23.19 -9.30
N HIS C 105 -10.65 -23.62 -8.32
CA HIS C 105 -9.82 -24.80 -8.47
C HIS C 105 -10.72 -26.04 -8.40
N THR C 106 -10.29 -27.09 -9.08
CA THR C 106 -10.97 -28.38 -9.03
C THR C 106 -9.92 -29.41 -8.69
N VAL C 107 -10.37 -30.53 -8.12
CA VAL C 107 -9.47 -31.63 -7.81
C VAL C 107 -9.96 -32.87 -8.56
N GLU C 108 -9.17 -33.30 -9.55
CA GLU C 108 -9.51 -34.43 -10.44
C GLU C 108 -10.91 -34.25 -11.03
N GLY C 109 -11.20 -33.02 -11.45
CA GLY C 109 -12.46 -32.67 -12.06
C GLY C 109 -13.57 -32.27 -11.12
N HIS C 110 -13.44 -32.56 -9.83
CA HIS C 110 -14.45 -32.25 -8.82
C HIS C 110 -14.41 -30.75 -8.44
N ARG C 111 -15.55 -30.08 -8.53
CA ARG C 111 -15.70 -28.71 -8.06
C ARG C 111 -16.33 -28.72 -6.67
N PHE C 112 -15.78 -27.90 -5.77
CA PHE C 112 -16.25 -27.78 -4.39
C PHE C 112 -17.29 -26.65 -4.34
N PRO C 113 -18.10 -26.62 -3.26
CA PRO C 113 -19.18 -25.62 -3.19
C PRO C 113 -18.69 -24.17 -3.31
N ALA C 114 -17.60 -23.84 -2.64
CA ALA C 114 -17.03 -22.47 -2.75
C ALA C 114 -15.53 -22.45 -2.42
N GLU C 115 -14.89 -21.29 -2.52
CA GLU C 115 -13.45 -21.18 -2.29
C GLU C 115 -13.14 -19.79 -1.75
N ILE C 116 -12.21 -19.73 -0.78
CA ILE C 116 -11.69 -18.47 -0.23
C ILE C 116 -10.28 -18.19 -0.74
N HIS C 117 -10.03 -16.96 -1.19
CA HIS C 117 -8.73 -16.50 -1.57
C HIS C 117 -8.26 -15.37 -0.64
N VAL C 118 -7.08 -15.51 -0.05
CA VAL C 118 -6.40 -14.44 0.68
C VAL C 118 -5.21 -13.99 -0.16
N VAL C 119 -5.29 -12.77 -0.68
CA VAL C 119 -4.30 -12.24 -1.61
C VAL C 119 -3.23 -11.45 -0.87
N HIS C 120 -1.97 -11.74 -1.19
CA HIS C 120 -0.83 -11.15 -0.51
C HIS C 120 0.14 -10.50 -1.51
N LEU C 121 0.84 -9.46 -1.06
CA LEU C 121 1.87 -8.75 -1.85
C LEU C 121 3.23 -9.07 -1.30
N SER C 122 4.19 -9.37 -2.17
CA SER C 122 5.54 -9.62 -1.75
C SER C 122 6.11 -8.36 -1.04
N THR C 123 6.85 -8.55 0.06
CA THR C 123 7.47 -7.46 0.84
C THR C 123 8.54 -6.72 0.04
N ALA C 124 9.02 -7.28 -1.35
CA ALA C 124 9.93 -6.60 -2.23
C ALA C 124 9.25 -5.48 -3.01
N PHE C 125 7.91 -5.40 -2.95
CA PHE C 125 7.14 -4.42 -3.71
C PHE C 125 6.27 -3.57 -2.81
N ALA C 126 6.17 -2.28 -3.15
CA ALA C 126 5.37 -1.34 -2.36
C ALA C 126 3.93 -1.35 -2.80
N ARG C 127 3.68 -1.64 -4.06
CA ARG C 127 2.34 -1.54 -4.62
C ARG C 127 2.04 -2.72 -5.51
N VAL C 128 0.75 -3.02 -5.61
CA VAL C 128 0.28 -4.09 -6.46
C VAL C 128 0.73 -3.88 -7.91
N ASP C 129 0.57 -2.68 -8.46
CA ASP C 129 0.91 -2.52 -9.88
C ASP C 129 2.39 -2.77 -10.23
N GLU C 130 3.30 -2.60 -9.27
CA GLU C 130 4.71 -2.99 -9.44
CA GLU C 130 4.71 -3.00 -9.44
C GLU C 130 4.87 -4.53 -9.45
N ALA C 131 4.04 -5.22 -8.68
CA ALA C 131 4.19 -6.68 -8.52
C ALA C 131 3.52 -7.50 -9.65
N LEU C 132 2.55 -6.88 -10.32
CA LEU C 132 1.76 -7.56 -11.35
C LEU C 132 2.66 -8.04 -12.46
N GLY C 133 2.62 -9.35 -12.74
CA GLY C 133 3.42 -9.94 -13.80
C GLY C 133 4.84 -10.26 -13.39
N ARG C 134 5.22 -9.95 -12.16
CA ARG C 134 6.61 -10.16 -11.71
C ARG C 134 6.65 -11.52 -11.00
N PRO C 135 7.78 -12.24 -11.12
CA PRO C 135 7.84 -13.59 -10.50
C PRO C 135 7.64 -13.56 -8.98
N GLY C 136 6.59 -14.21 -8.49
CA GLY C 136 6.29 -14.24 -7.06
C GLY C 136 5.87 -12.93 -6.40
N GLY C 137 5.49 -11.94 -7.20
CA GLY C 137 5.09 -10.63 -6.73
C GLY C 137 3.83 -10.68 -5.90
N LEU C 138 2.87 -11.52 -6.32
CA LEU C 138 1.68 -11.80 -5.53
C LEU C 138 1.61 -13.27 -5.12
N ALA C 139 1.05 -13.51 -3.93
CA ALA C 139 0.80 -14.87 -3.47
C ALA C 139 -0.65 -14.98 -2.98
N VAL C 140 -1.34 -16.03 -3.39
CA VAL C 140 -2.72 -16.27 -2.90
C VAL C 140 -2.75 -17.55 -2.09
N LEU C 141 -3.37 -17.50 -0.92
CA LEU C 141 -3.73 -18.70 -0.16
C LEU C 141 -5.17 -19.05 -0.50
N ALA C 142 -5.40 -20.29 -0.94
CA ALA C 142 -6.73 -20.73 -1.35
C ALA C 142 -7.15 -21.95 -0.54
N ALA C 143 -8.39 -21.94 -0.09
CA ALA C 143 -8.96 -23.12 0.59
C ALA C 143 -10.36 -23.39 0.04
N PHE C 144 -10.68 -24.67 -0.05
CA PHE C 144 -12.02 -25.07 -0.48
C PHE C 144 -12.97 -24.99 0.71
N LEU C 145 -14.19 -24.57 0.43
CA LEU C 145 -15.26 -24.60 1.40
C LEU C 145 -16.25 -25.71 1.00
N GLU C 146 -16.58 -26.57 1.96
CA GLU C 146 -17.50 -27.73 1.78
C GLU C 146 -18.63 -27.71 2.79
N GLU C 147 -19.69 -28.43 2.47
CA GLU C 147 -20.82 -28.54 3.37
C GLU C 147 -20.45 -29.42 4.55
N GLY C 148 -20.64 -28.91 5.77
CA GLY C 148 -20.50 -29.67 7.00
C GLY C 148 -21.75 -29.61 7.87
N PRO C 149 -21.78 -30.39 8.96
CA PRO C 149 -22.94 -30.43 9.84
C PRO C 149 -23.09 -29.22 10.77
N GLU C 150 -21.98 -28.64 11.24
CA GLU C 150 -22.03 -27.48 12.14
C GLU C 150 -21.99 -26.14 11.41
N GLU C 151 -22.45 -25.11 12.11
CA GLU C 151 -22.28 -23.72 11.69
C GLU C 151 -20.83 -23.29 12.01
N ASN C 152 -20.15 -22.74 11.01
CA ASN C 152 -18.80 -22.23 11.20
C ASN C 152 -18.96 -20.81 11.74
N SER C 153 -18.54 -20.61 12.99
CA SER C 153 -18.75 -19.33 13.66
C SER C 153 -17.81 -18.25 13.15
N ALA C 154 -16.62 -18.63 12.71
CA ALA C 154 -15.71 -17.65 12.12
C ALA C 154 -16.38 -17.05 10.88
N TYR C 155 -16.90 -17.90 9.99
CA TYR C 155 -17.58 -17.44 8.78
C TYR C 155 -18.89 -16.72 9.05
N GLU C 156 -19.58 -17.08 10.13
CA GLU C 156 -20.86 -16.43 10.46
C GLU C 156 -20.72 -14.91 10.66
N GLN C 157 -19.59 -14.48 11.21
CA GLN C 157 -19.27 -13.05 11.35
C GLN C 157 -19.35 -12.26 10.05
N LEU C 158 -18.90 -12.84 8.94
CA LEU C 158 -19.01 -12.20 7.64
C LEU C 158 -20.34 -12.50 6.96
N LEU C 159 -20.81 -13.75 7.05
CA LEU C 159 -22.02 -14.14 6.28
C LEU C 159 -23.27 -13.41 6.78
N SER C 160 -23.35 -13.20 8.10
CA SER C 160 -24.41 -12.41 8.72
C SER C 160 -24.46 -10.92 8.28
N ARG C 161 -23.37 -10.42 7.68
CA ARG C 161 -23.33 -9.05 7.14
C ARG C 161 -23.59 -8.92 5.65
N LEU C 162 -23.82 -10.04 4.96
CA LEU C 162 -24.01 -9.99 3.52
C LEU C 162 -25.28 -9.29 3.12
N GLU C 163 -26.34 -9.41 3.93
CA GLU C 163 -27.61 -8.76 3.60
C GLU C 163 -27.49 -7.25 3.46
N GLU C 164 -26.69 -6.61 4.33
CA GLU C 164 -26.39 -5.16 4.22
C GLU C 164 -25.75 -4.74 2.91
N ILE C 165 -25.07 -5.67 2.24
CA ILE C 165 -24.37 -5.33 1.01
C ILE C 165 -24.92 -6.07 -0.21
N ALA C 166 -26.20 -6.41 -0.16
CA ALA C 166 -26.86 -7.13 -1.26
C ALA C 166 -26.70 -6.37 -2.55
N GLU C 167 -26.83 -5.04 -2.49
CA GLU C 167 -26.72 -4.22 -3.68
C GLU C 167 -25.31 -4.24 -4.25
N GLU C 168 -25.21 -4.37 -5.56
CA GLU C 168 -23.93 -4.31 -6.23
C GLU C 168 -23.24 -2.95 -5.98
N GLY C 169 -21.96 -2.99 -5.64
CA GLY C 169 -21.20 -1.77 -5.39
C GLY C 169 -21.37 -1.17 -3.98
N SER C 170 -21.97 -1.91 -3.07
CA SER C 170 -22.24 -1.43 -1.74
C SER C 170 -21.21 -2.01 -0.77
N GLU C 171 -21.05 -1.34 0.37
CA GLU C 171 -20.08 -1.77 1.36
C GLU C 171 -20.52 -1.46 2.77
N THR C 172 -19.88 -2.15 3.71
CA THR C 172 -20.16 -1.97 5.12
C THR C 172 -18.90 -2.18 5.95
N GLN C 173 -18.85 -1.56 7.12
CA GLN C 173 -17.74 -1.77 8.05
C GLN C 173 -18.09 -2.93 8.98
N VAL C 174 -17.16 -3.88 9.14
CA VAL C 174 -17.36 -5.01 10.07
C VAL C 174 -16.21 -5.07 11.08
N PRO C 175 -16.45 -5.63 12.28
CA PRO C 175 -15.36 -5.79 13.26
C PRO C 175 -14.26 -6.73 12.79
N GLY C 176 -13.03 -6.42 13.19
CA GLY C 176 -11.90 -7.33 12.99
C GLY C 176 -12.21 -8.66 13.61
N LEU C 177 -11.60 -9.71 13.08
CA LEU C 177 -11.82 -11.09 13.52
C LEU C 177 -10.55 -11.87 13.27
N ASP C 178 -10.51 -13.10 13.74
CA ASP C 178 -9.34 -13.94 13.52
C ASP C 178 -9.37 -14.42 12.07
N ILE C 179 -8.56 -13.80 11.23
CA ILE C 179 -8.59 -14.11 9.79
C ILE C 179 -8.13 -15.53 9.53
N SER C 180 -7.19 -16.00 10.33
CA SER C 180 -6.68 -17.37 10.15
C SER C 180 -7.74 -18.44 10.46
N ALA C 181 -8.81 -18.08 11.18
CA ALA C 181 -9.88 -19.03 11.49
C ALA C 181 -10.82 -19.24 10.30
N LEU C 182 -10.62 -18.48 9.21
CA LEU C 182 -11.35 -18.68 7.97
C LEU C 182 -10.65 -19.71 7.07
N LEU C 183 -9.46 -20.13 7.49
CA LEU C 183 -8.61 -21.06 6.76
C LEU C 183 -8.51 -22.38 7.51
N PRO C 184 -8.04 -23.44 6.82
CA PRO C 184 -7.84 -24.73 7.51
C PRO C 184 -6.81 -24.68 8.65
N SER C 185 -6.92 -25.60 9.61
CA SER C 185 -5.98 -25.69 10.73
C SER C 185 -4.63 -26.27 10.31
N ASP C 186 -4.61 -27.08 9.25
CA ASP C 186 -3.40 -27.73 8.78
C ASP C 186 -2.69 -26.85 7.73
N PHE C 187 -1.61 -26.19 8.15
CA PHE C 187 -0.80 -25.33 7.29
C PHE C 187 0.41 -26.06 6.69
N SER C 188 0.50 -27.39 6.92
CA SER C 188 1.65 -28.19 6.45
C SER C 188 1.36 -28.93 5.13
N ARG C 189 0.09 -29.19 4.84
CA ARG C 189 -0.30 -29.99 3.67
C ARG C 189 -0.97 -29.13 2.62
N TYR C 190 -0.28 -28.93 1.50
CA TYR C 190 -0.78 -28.07 0.44
C TYR C 190 -0.18 -28.35 -0.91
N PHE C 191 -0.88 -27.90 -1.94
CA PHE C 191 -0.39 -27.84 -3.30
C PHE C 191 0.09 -26.41 -3.61
N GLN C 192 1.11 -26.30 -4.48
CA GLN C 192 1.61 -24.98 -4.88
C GLN C 192 2.01 -24.96 -6.35
N TYR C 193 1.61 -23.91 -7.05
CA TYR C 193 2.02 -23.70 -8.43
C TYR C 193 2.04 -22.23 -8.76
N GLU C 194 2.64 -21.93 -9.91
CA GLU C 194 2.68 -20.58 -10.42
C GLU C 194 1.62 -20.38 -11.49
N GLY C 195 0.83 -19.33 -11.31
CA GLY C 195 -0.27 -19.04 -12.21
C GLY C 195 -0.54 -17.55 -12.35
N SER C 196 -1.82 -17.20 -12.34
CA SER C 196 -2.28 -15.87 -12.67
C SER C 196 -3.42 -15.42 -11.75
N LEU C 197 -3.74 -14.14 -11.82
CA LEU C 197 -5.00 -13.64 -11.30
C LEU C 197 -6.09 -14.24 -12.18
N THR C 198 -7.29 -14.41 -11.61
CA THR C 198 -8.39 -15.06 -12.31
C THR C 198 -9.44 -14.04 -12.73
N THR C 199 -9.06 -12.78 -12.71
CA THR C 199 -9.90 -11.68 -13.12
C THR C 199 -8.97 -10.71 -13.86
N PRO C 200 -9.49 -9.93 -14.83
CA PRO C 200 -8.60 -8.96 -15.48
C PRO C 200 -7.88 -8.07 -14.45
N PRO C 201 -6.59 -7.76 -14.69
CA PRO C 201 -5.80 -8.04 -15.88
C PRO C 201 -5.21 -9.46 -16.06
N CYS C 202 -5.52 -10.42 -15.17
CA CYS C 202 -5.03 -11.80 -15.27
C CYS C 202 -3.51 -11.93 -15.34
N ALA C 203 -2.82 -11.06 -14.61
CA ALA C 203 -1.38 -11.03 -14.63
C ALA C 203 -0.78 -12.36 -14.09
N GLN C 204 0.30 -12.81 -14.73
CA GLN C 204 1.00 -14.04 -14.34
C GLN C 204 2.06 -13.75 -13.26
N GLY C 205 2.73 -14.79 -12.80
CA GLY C 205 3.73 -14.71 -11.72
C GLY C 205 3.14 -14.82 -10.33
N VAL C 206 1.88 -15.22 -10.22
CA VAL C 206 1.21 -15.34 -8.93
C VAL C 206 1.50 -16.72 -8.36
N ILE C 207 2.02 -16.80 -7.15
CA ILE C 207 2.17 -18.10 -6.48
C ILE C 207 0.86 -18.49 -5.77
N TRP C 208 0.24 -19.57 -6.22
CA TRP C 208 -0.96 -20.13 -5.62
C TRP C 208 -0.64 -21.27 -4.69
N THR C 209 -1.16 -21.19 -3.48
CA THR C 209 -1.04 -22.24 -2.49
C THR C 209 -2.44 -22.71 -2.17
N VAL C 210 -2.74 -23.98 -2.46
CA VAL C 210 -4.10 -24.53 -2.28
C VAL C 210 -4.04 -25.58 -1.18
N PHE C 211 -4.73 -25.34 -0.05
CA PHE C 211 -4.67 -26.25 1.09
C PHE C 211 -5.29 -27.61 0.75
N ASN C 212 -4.70 -28.67 1.28
CA ASN C 212 -5.29 -30.02 1.19
C ASN C 212 -6.58 -30.12 2.03
N GLN C 213 -6.50 -29.72 3.29
CA GLN C 213 -7.65 -29.74 4.20
C GLN C 213 -8.64 -28.65 3.77
N THR C 214 -9.93 -28.96 3.89
CA THR C 214 -11.03 -28.03 3.56
C THR C 214 -11.61 -27.39 4.81
N VAL C 215 -12.46 -26.41 4.61
CA VAL C 215 -13.16 -25.70 5.66
C VAL C 215 -14.61 -26.05 5.49
N MET C 216 -15.29 -26.33 6.60
CA MET C 216 -16.71 -26.76 6.56
C MET C 216 -17.65 -25.62 6.98
N LEU C 217 -18.63 -25.33 6.12
CA LEU C 217 -19.72 -24.41 6.41
C LEU C 217 -21.02 -25.20 6.43
N SER C 218 -22.05 -24.71 7.13
CA SER C 218 -23.36 -25.37 7.15
C SER C 218 -24.04 -25.12 5.82
N ALA C 219 -25.02 -25.95 5.50
CA ALA C 219 -25.79 -25.80 4.26
C ALA C 219 -26.46 -24.44 4.20
N LYS C 220 -26.98 -23.99 5.35
CA LYS C 220 -27.56 -22.66 5.45
C LYS C 220 -26.53 -21.55 5.12
N GLN C 221 -25.34 -21.65 5.70
CA GLN C 221 -24.25 -20.68 5.41
C GLN C 221 -23.92 -20.64 3.91
N LEU C 222 -23.78 -21.80 3.28
CA LEU C 222 -23.48 -21.85 1.83
C LEU C 222 -24.59 -21.22 1.00
N HIS C 223 -25.83 -21.42 1.46
CA HIS C 223 -26.97 -20.82 0.79
C HIS C 223 -26.98 -19.30 0.99
N THR C 224 -26.67 -18.85 2.19
CA THR C 224 -26.51 -17.41 2.46
C THR C 224 -25.43 -16.81 1.55
N LEU C 225 -24.28 -17.47 1.46
CA LEU C 225 -23.21 -17.00 0.57
C LEU C 225 -23.69 -16.84 -0.88
N SER C 226 -24.39 -17.85 -1.41
CA SER C 226 -24.79 -17.86 -2.82
C SER C 226 -26.09 -17.13 -3.16
N ASP C 227 -26.94 -16.88 -2.17
CA ASP C 227 -28.29 -16.37 -2.44
C ASP C 227 -28.52 -14.89 -2.04
N THR C 228 -27.53 -14.21 -1.46
CA THR C 228 -27.77 -12.90 -0.85
C THR C 228 -27.37 -11.73 -1.73
N LEU C 229 -26.30 -11.86 -2.50
CA LEU C 229 -25.72 -10.71 -3.19
C LEU C 229 -26.17 -10.60 -4.64
N TRP C 230 -26.29 -9.36 -5.11
CA TRP C 230 -26.65 -9.06 -6.48
C TRP C 230 -25.45 -8.49 -7.21
N GLY C 231 -25.42 -8.73 -8.51
CA GLY C 231 -24.31 -8.39 -9.36
C GLY C 231 -24.75 -7.42 -10.43
N PRO C 232 -23.97 -7.30 -11.52
CA PRO C 232 -24.31 -6.36 -12.59
C PRO C 232 -25.27 -7.00 -13.58
N GLY C 233 -26.69 -4.57 -13.83
CA GLY C 233 -27.83 -5.33 -14.33
C GLY C 233 -28.57 -6.03 -13.21
N ASP C 234 -29.62 -6.78 -13.56
CA ASP C 234 -30.56 -7.34 -12.59
C ASP C 234 -30.25 -8.79 -12.18
N SER C 235 -28.99 -9.22 -12.26
CA SER C 235 -28.62 -10.60 -11.97
C SER C 235 -28.13 -10.82 -10.54
N ARG C 236 -28.34 -12.04 -10.04
CA ARG C 236 -27.73 -12.50 -8.80
C ARG C 236 -26.25 -12.72 -8.99
N LEU C 237 -25.49 -12.47 -7.92
CA LEU C 237 -24.04 -12.68 -7.93
C LEU C 237 -23.82 -14.13 -7.53
N GLN C 238 -23.63 -14.96 -8.55
CA GLN C 238 -23.58 -16.41 -8.42
C GLN C 238 -22.65 -16.99 -9.47
N LEU C 239 -22.11 -18.17 -9.21
CA LEU C 239 -21.27 -18.85 -10.20
C LEU C 239 -20.11 -17.94 -10.68
N ASN C 240 -19.49 -17.26 -9.72
CA ASN C 240 -18.45 -16.24 -10.00
C ASN C 240 -17.07 -16.86 -9.96
N PHE C 241 -16.88 -17.88 -10.79
CA PHE C 241 -15.62 -18.57 -10.93
C PHE C 241 -15.22 -18.58 -12.39
N ARG C 242 -13.91 -18.57 -12.62
CA ARG C 242 -13.38 -18.65 -13.95
C ARG C 242 -13.22 -20.13 -14.34
N ALA C 243 -13.40 -20.39 -15.64
CA ALA C 243 -13.18 -21.71 -16.22
C ALA C 243 -11.75 -22.18 -15.94
N THR C 244 -11.63 -23.46 -15.63
CA THR C 244 -10.37 -24.17 -15.53
C THR C 244 -9.46 -23.87 -16.70
N GLN C 245 -8.18 -23.68 -16.43
CA GLN C 245 -7.19 -23.34 -17.45
C GLN C 245 -6.17 -24.46 -17.52
N PRO C 246 -5.66 -24.74 -18.73
CA PRO C 246 -4.70 -25.86 -18.84
C PRO C 246 -3.38 -25.57 -18.12
N LEU C 247 -2.81 -26.60 -17.52
CA LEU C 247 -1.49 -26.50 -16.92
C LEU C 247 -0.39 -26.10 -17.91
N ASN C 248 -0.54 -26.55 -19.17
CA ASN C 248 0.39 -26.23 -20.24
C ASN C 248 1.85 -26.52 -19.89
N GLY C 249 2.07 -27.64 -19.20
CA GLY C 249 3.41 -28.08 -18.85
C GLY C 249 3.93 -27.72 -17.48
N ARG C 250 3.19 -26.87 -16.74
CA ARG C 250 3.55 -26.59 -15.36
C ARG C 250 3.35 -27.85 -14.53
N VAL C 251 4.18 -28.03 -13.52
CA VAL C 251 4.01 -29.10 -12.55
C VAL C 251 3.56 -28.51 -11.22
N ILE C 252 2.47 -29.04 -10.66
CA ILE C 252 1.99 -28.61 -9.36
C ILE C 252 2.81 -29.34 -8.33
N GLU C 253 3.35 -28.62 -7.35
CA GLU C 253 4.10 -29.24 -6.25
C GLU C 253 3.15 -29.57 -5.11
N ALA C 254 3.54 -30.57 -4.33
CA ALA C 254 2.80 -30.94 -3.11
C ALA C 254 3.80 -30.95 -1.96
N SER C 255 3.36 -30.48 -0.79
CA SER C 255 4.22 -30.46 0.40
C SER C 255 4.20 -31.80 1.13
N PHE C 256 3.45 -32.78 0.63
CA PHE C 256 3.29 -34.05 1.32
C PHE C 256 3.35 -35.20 0.31
N PRO C 257 3.85 -36.38 0.74
CA PRO C 257 3.98 -37.53 -0.17
C PRO C 257 2.65 -38.18 -0.57
N SER D 19 28.66 -2.42 4.05
CA SER D 19 27.37 -2.60 3.33
C SER D 19 26.43 -3.50 4.16
N PRO D 20 25.48 -2.88 4.91
CA PRO D 20 24.50 -3.58 5.76
C PRO D 20 23.79 -4.76 5.09
N ALA D 21 23.50 -4.60 3.82
CA ALA D 21 22.94 -5.63 2.94
C ALA D 21 23.72 -6.97 2.98
N CYS D 22 25.05 -6.88 3.08
CA CYS D 22 25.89 -8.08 3.14
C CYS D 22 25.73 -8.89 4.42
N ALA D 23 25.05 -8.33 5.44
CA ALA D 23 24.69 -9.04 6.67
C ALA D 23 23.24 -9.47 6.66
N GLY D 24 22.59 -9.46 5.50
CA GLY D 24 21.26 -10.05 5.33
C GLY D 24 21.22 -11.51 5.73
N ARG D 25 20.02 -12.02 5.89
CA ARG D 25 19.78 -13.36 6.43
C ARG D 25 19.94 -14.51 5.39
N PHE D 26 19.91 -14.16 4.10
CA PHE D 26 19.81 -15.17 3.04
C PHE D 26 20.86 -14.86 1.97
N GLN D 27 22.11 -15.03 2.36
CA GLN D 27 23.25 -14.66 1.54
C GLN D 27 23.85 -15.86 0.80
N SER D 28 24.69 -15.55 -0.18
CA SER D 28 25.43 -16.53 -0.97
C SER D 28 26.91 -16.16 -0.87
N PRO D 29 27.82 -17.14 -1.13
CA PRO D 29 27.58 -18.53 -1.46
C PRO D 29 27.30 -19.36 -0.24
N VAL D 30 26.96 -20.64 -0.47
CA VAL D 30 26.65 -21.58 0.59
C VAL D 30 27.39 -22.89 0.40
N ASP D 31 27.42 -23.69 1.46
CA ASP D 31 27.95 -25.04 1.42
C ASP D 31 26.81 -25.96 1.03
N ILE D 32 27.00 -26.71 -0.04
CA ILE D 32 25.97 -27.61 -0.54
C ILE D 32 26.26 -28.98 0.05
N ARG D 33 25.27 -29.54 0.74
CA ARG D 33 25.38 -30.85 1.35
C ARG D 33 24.34 -31.73 0.66
N PRO D 34 24.74 -32.46 -0.39
CA PRO D 34 23.78 -33.17 -1.26
C PRO D 34 22.81 -34.12 -0.56
N GLN D 35 23.20 -34.68 0.57
CA GLN D 35 22.32 -35.60 1.30
C GLN D 35 21.24 -34.90 2.10
N LEU D 36 21.42 -33.60 2.37
CA LEU D 36 20.37 -32.76 2.95
C LEU D 36 19.64 -31.89 1.90
N ALA D 37 19.97 -32.05 0.62
CA ALA D 37 19.25 -31.37 -0.44
C ALA D 37 17.92 -32.07 -0.65
N ALA D 38 16.89 -31.33 -1.06
CA ALA D 38 15.56 -31.88 -1.30
C ALA D 38 15.37 -32.15 -2.80
N PHE D 39 15.07 -33.40 -3.14
CA PHE D 39 14.75 -33.76 -4.51
C PHE D 39 13.41 -33.17 -4.84
N SER D 40 13.38 -32.29 -5.84
CA SER D 40 12.13 -31.70 -6.34
CA SER D 40 12.18 -31.66 -6.31
C SER D 40 11.98 -32.02 -7.80
N PRO D 41 11.11 -33.01 -8.10
CA PRO D 41 10.94 -33.42 -9.50
C PRO D 41 10.35 -32.37 -10.43
N ALA D 42 9.78 -31.29 -9.89
CA ALA D 42 9.31 -30.18 -10.72
C ALA D 42 10.44 -29.43 -11.45
N LEU D 43 11.67 -29.53 -10.93
CA LEU D 43 12.81 -28.88 -11.57
C LEU D 43 13.16 -29.54 -12.90
N ARG D 44 12.90 -28.84 -14.00
CA ARG D 44 13.08 -29.43 -15.34
C ARG D 44 14.44 -29.04 -15.93
N PRO D 45 14.83 -29.67 -17.06
CA PRO D 45 16.13 -29.29 -17.61
C PRO D 45 16.19 -27.80 -18.00
N LEU D 46 17.33 -27.18 -17.72
CA LEU D 46 17.56 -25.79 -18.09
C LEU D 46 17.50 -25.62 -19.62
N GLU D 47 16.94 -24.51 -20.09
CA GLU D 47 16.86 -24.21 -21.51
C GLU D 47 17.69 -22.97 -21.79
N LEU D 48 18.72 -23.11 -22.65
CA LEU D 48 19.56 -21.99 -23.05
C LEU D 48 19.59 -21.84 -24.59
N LEU D 49 18.97 -20.79 -25.11
CA LEU D 49 18.94 -20.49 -26.55
C LEU D 49 19.69 -19.21 -26.89
N GLY D 50 20.29 -19.18 -28.07
CA GLY D 50 21.05 -18.00 -28.55
C GLY D 50 22.46 -17.87 -27.99
N PHE D 51 22.96 -18.91 -27.31
CA PHE D 51 24.27 -18.86 -26.69
C PHE D 51 25.44 -19.12 -27.65
N GLN D 52 25.15 -19.66 -28.85
CA GLN D 52 26.21 -20.02 -29.80
C GLN D 52 26.51 -18.78 -30.65
N LEU D 53 27.36 -17.89 -30.16
CA LEU D 53 27.56 -16.61 -30.80
C LEU D 53 28.51 -16.72 -32.00
N PRO D 54 28.27 -15.92 -33.05
CA PRO D 54 29.20 -15.86 -34.16
C PRO D 54 30.45 -15.03 -33.80
N PRO D 55 31.50 -15.08 -34.65
CA PRO D 55 32.73 -14.36 -34.30
C PRO D 55 32.57 -12.83 -34.18
N LEU D 56 31.64 -12.23 -34.93
CA LEU D 56 31.37 -10.79 -34.85
C LEU D 56 29.87 -10.54 -34.63
N PRO D 57 29.50 -9.52 -33.81
CA PRO D 57 30.37 -8.55 -33.13
C PRO D 57 31.23 -9.14 -32.03
N GLU D 58 32.31 -8.44 -31.72
CA GLU D 58 33.22 -8.84 -30.66
C GLU D 58 32.62 -8.49 -29.31
N LEU D 59 33.17 -9.06 -28.25
CA LEU D 59 32.67 -8.91 -26.90
C LEU D 59 33.72 -8.27 -25.99
N ARG D 60 33.22 -7.44 -25.08
CA ARG D 60 34.07 -6.75 -24.12
C ARG D 60 34.49 -7.69 -23.01
N LEU D 61 35.79 -7.78 -22.79
CA LEU D 61 36.36 -8.56 -21.69
C LEU D 61 37.16 -7.58 -20.84
N ARG D 62 36.83 -7.50 -19.55
CA ARG D 62 37.30 -6.44 -18.68
C ARG D 62 37.87 -6.99 -17.39
N ASN D 63 39.04 -6.50 -17.00
CA ASN D 63 39.53 -6.72 -15.63
C ASN D 63 38.97 -5.58 -14.79
N ASN D 64 38.07 -5.90 -13.84
CA ASN D 64 37.46 -4.84 -13.01
C ASN D 64 38.00 -4.79 -11.59
N GLY D 65 39.06 -5.56 -11.33
CA GLY D 65 39.69 -5.59 -10.01
C GLY D 65 39.08 -6.59 -9.06
N HIS D 66 37.84 -6.98 -9.31
CA HIS D 66 37.16 -8.01 -8.51
C HIS D 66 37.14 -9.36 -9.25
N SER D 67 37.06 -9.33 -10.58
CA SER D 67 37.06 -10.52 -11.43
C SER D 67 37.38 -10.12 -12.85
N VAL D 68 37.43 -11.10 -13.75
CA VAL D 68 37.39 -10.83 -15.19
C VAL D 68 35.96 -11.07 -15.68
N GLN D 69 35.44 -10.14 -16.46
CA GLN D 69 34.04 -10.10 -16.82
C GLN D 69 33.84 -9.94 -18.31
N LEU D 70 33.05 -10.86 -18.89
CA LEU D 70 32.71 -10.83 -20.31
C LEU D 70 31.31 -10.28 -20.44
N THR D 71 31.15 -9.19 -21.17
CA THR D 71 29.83 -8.65 -21.46
C THR D 71 29.16 -9.46 -22.58
N LEU D 72 27.91 -9.85 -22.34
CA LEU D 72 27.17 -10.65 -23.30
C LEU D 72 26.19 -9.79 -24.08
N PRO D 73 25.99 -10.11 -25.37
CA PRO D 73 25.10 -9.32 -26.22
C PRO D 73 23.63 -9.65 -25.95
N PRO D 74 22.72 -8.86 -26.55
CA PRO D 74 21.32 -9.22 -26.42
C PRO D 74 21.06 -10.59 -27.04
N GLY D 75 19.70 -11.49 -26.50
CA GLY D 75 19.32 -12.63 -27.32
C GLY D 75 19.84 -13.94 -26.77
N LEU D 76 20.58 -13.89 -25.65
CA LEU D 76 20.88 -15.13 -24.92
C LEU D 76 19.73 -15.40 -23.94
N GLU D 77 18.83 -16.28 -24.31
CA GLU D 77 17.62 -16.50 -23.53
C GLU D 77 17.74 -17.79 -22.72
N MET D 78 17.24 -17.73 -21.49
CA MET D 78 17.37 -18.83 -20.56
C MET D 78 16.05 -19.03 -19.81
N ALA D 79 15.67 -20.29 -19.56
CA ALA D 79 14.49 -20.58 -18.77
C ALA D 79 14.81 -21.52 -17.63
N LEU D 80 14.38 -21.15 -16.41
CA LEU D 80 14.43 -22.05 -15.24
C LEU D 80 13.24 -23.01 -15.17
N GLY D 81 12.23 -22.70 -15.96
CA GLY D 81 10.95 -23.30 -15.83
C GLY D 81 10.03 -22.62 -16.83
N PRO D 82 8.50 -23.39 -16.91
CA PRO D 82 7.59 -22.85 -17.90
C PRO D 82 7.26 -21.38 -17.56
N GLY D 83 7.56 -20.47 -18.47
CA GLY D 83 7.24 -19.05 -18.28
C GLY D 83 8.24 -18.23 -17.50
N ARG D 84 9.24 -18.89 -16.91
CA ARG D 84 10.20 -18.25 -16.03
C ARG D 84 11.51 -18.01 -16.80
N GLU D 85 11.51 -16.92 -17.55
CA GLU D 85 12.54 -16.66 -18.53
C GLU D 85 13.46 -15.50 -18.15
N TYR D 86 14.65 -15.56 -18.73
CA TYR D 86 15.79 -14.73 -18.39
C TYR D 86 16.60 -14.38 -19.63
N ARG D 87 17.35 -13.28 -19.56
CA ARG D 87 18.30 -12.88 -20.60
CA ARG D 87 18.31 -12.93 -20.60
C ARG D 87 19.69 -12.78 -19.97
N ALA D 88 20.70 -13.36 -20.59
CA ALA D 88 22.05 -13.32 -20.03
C ALA D 88 22.66 -11.90 -20.20
N LEU D 89 23.32 -11.44 -19.14
CA LEU D 89 23.98 -10.11 -19.09
C LEU D 89 25.49 -10.19 -19.26
N GLN D 90 26.11 -11.09 -18.49
CA GLN D 90 27.56 -11.20 -18.42
C GLN D 90 27.95 -12.50 -17.74
N LEU D 91 29.22 -12.85 -17.87
CA LEU D 91 29.79 -13.90 -17.06
C LEU D 91 31.12 -13.43 -16.50
N HIS D 92 31.51 -14.05 -15.38
CA HIS D 92 32.74 -13.72 -14.68
C HIS D 92 33.18 -14.97 -13.93
N LEU D 93 34.38 -14.93 -13.36
CA LEU D 93 34.99 -16.09 -12.72
CA LEU D 93 34.97 -16.09 -12.70
C LEU D 93 35.47 -15.77 -11.29
N HIS D 94 35.53 -16.82 -10.46
CA HIS D 94 36.11 -16.78 -9.12
C HIS D 94 37.17 -17.88 -9.03
N TRP D 95 38.32 -17.55 -8.46
CA TRP D 95 39.46 -18.45 -8.47
C TRP D 95 40.42 -18.21 -7.29
N GLY D 96 41.36 -19.12 -7.10
CA GLY D 96 42.22 -19.10 -5.92
C GLY D 96 43.60 -18.55 -6.20
N ALA D 97 44.61 -19.34 -5.85
CA ALA D 97 46.02 -19.01 -6.10
C ALA D 97 46.80 -20.33 -6.22
N ALA D 98 48.11 -20.21 -6.44
CA ALA D 98 48.96 -21.40 -6.59
C ALA D 98 48.71 -22.39 -5.45
N GLY D 99 48.30 -23.60 -5.81
CA GLY D 99 48.00 -24.66 -4.85
C GLY D 99 46.89 -24.36 -3.85
N ARG D 100 45.96 -23.47 -4.21
CA ARG D 100 44.88 -23.06 -3.31
C ARG D 100 43.56 -22.85 -4.09
N PRO D 101 42.52 -23.66 -3.78
CA PRO D 101 41.27 -23.53 -4.53
C PRO D 101 40.50 -22.21 -4.22
N GLY D 102 39.67 -21.77 -5.17
CA GLY D 102 38.94 -20.50 -5.00
C GLY D 102 37.52 -20.47 -5.54
N SER D 103 36.83 -21.61 -5.55
CA SER D 103 35.40 -21.62 -5.86
C SER D 103 34.64 -20.91 -4.72
N GLU D 104 33.44 -20.43 -5.01
CA GLU D 104 32.64 -19.73 -4.00
C GLU D 104 31.79 -20.70 -3.24
N HIS D 105 31.01 -21.49 -3.99
CA HIS D 105 30.23 -22.57 -3.42
C HIS D 105 31.18 -23.70 -3.07
N THR D 106 30.80 -24.47 -2.06
CA THR D 106 31.56 -25.65 -1.67
C THR D 106 30.57 -26.80 -1.61
N VAL D 107 31.09 -28.04 -1.66
CA VAL D 107 30.28 -29.24 -1.54
C VAL D 107 30.84 -30.09 -0.39
N GLU D 108 30.04 -30.28 0.66
CA GLU D 108 30.46 -30.95 1.90
C GLU D 108 31.81 -30.43 2.41
N GLY D 109 32.04 -29.13 2.33
CA GLY D 109 33.29 -28.53 2.76
C GLY D 109 34.34 -28.39 1.68
N HIS D 110 34.25 -29.19 0.61
CA HIS D 110 35.23 -29.14 -0.46
C HIS D 110 35.07 -27.89 -1.35
N ARG D 111 36.15 -27.16 -1.49
CA ARG D 111 36.25 -26.04 -2.39
C ARG D 111 36.98 -26.48 -3.67
N PHE D 112 36.43 -26.08 -4.81
CA PHE D 112 36.95 -26.47 -6.12
C PHE D 112 37.93 -25.41 -6.57
N PRO D 113 38.77 -25.73 -7.57
CA PRO D 113 39.75 -24.76 -8.02
C PRO D 113 39.20 -23.40 -8.43
N ALA D 114 38.10 -23.38 -9.19
CA ALA D 114 37.51 -22.12 -9.66
C ALA D 114 36.01 -22.30 -9.94
N GLU D 115 35.33 -21.22 -10.31
CA GLU D 115 33.88 -21.26 -10.49
C GLU D 115 33.50 -20.20 -11.49
N ILE D 116 32.61 -20.56 -12.41
CA ILE D 116 32.11 -19.62 -13.42
C ILE D 116 30.67 -19.25 -13.07
N HIS D 117 30.31 -17.99 -13.26
CA HIS D 117 28.97 -17.45 -12.96
C HIS D 117 28.44 -16.77 -14.20
N VAL D 118 27.26 -17.19 -14.66
CA VAL D 118 26.62 -16.56 -15.81
C VAL D 118 25.40 -15.88 -15.26
N VAL D 119 25.40 -14.55 -15.31
CA VAL D 119 24.39 -13.75 -14.63
C VAL D 119 23.31 -13.33 -15.60
N HIS D 120 22.05 -13.56 -15.22
CA HIS D 120 20.91 -13.25 -16.06
C HIS D 120 19.88 -12.34 -15.34
N LEU D 121 19.11 -11.62 -16.15
CA LEU D 121 18.02 -10.73 -15.76
C LEU D 121 16.68 -11.32 -16.18
N SER D 122 15.77 -11.47 -15.22
CA SER D 122 14.37 -11.82 -15.54
C SER D 122 13.76 -10.90 -16.61
N THR D 123 13.08 -11.52 -17.58
CA THR D 123 12.45 -10.81 -18.71
C THR D 123 11.24 -10.04 -18.21
N ALA D 124 10.69 -10.24 -16.69
CA ALA D 124 9.72 -9.33 -16.13
C ALA D 124 10.31 -7.95 -15.79
N PHE D 125 11.64 -7.76 -15.88
CA PHE D 125 12.27 -6.48 -15.51
C PHE D 125 13.08 -5.93 -16.65
N ALA D 126 12.87 -4.66 -16.99
CA ALA D 126 13.61 -4.03 -18.07
C ALA D 126 15.08 -3.75 -17.71
N ARG D 127 15.37 -3.53 -16.44
CA ARG D 127 16.69 -3.09 -16.03
C ARG D 127 17.16 -3.89 -14.85
N VAL D 128 18.46 -4.09 -14.75
CA VAL D 128 19.04 -4.79 -13.62
C VAL D 128 18.66 -4.11 -12.30
N ASP D 129 18.63 -2.78 -12.28
CA ASP D 129 18.44 -2.07 -10.99
C ASP D 129 17.03 -2.28 -10.40
N GLU D 130 16.05 -2.43 -11.26
CA GLU D 130 14.71 -2.86 -10.85
C GLU D 130 14.65 -4.28 -10.25
N ALA D 131 15.50 -5.16 -10.78
CA ALA D 131 15.50 -6.58 -10.40
C ALA D 131 16.22 -6.84 -9.07
N LEU D 132 17.20 -6.01 -8.73
CA LEU D 132 17.98 -6.15 -7.49
C LEU D 132 17.07 -6.10 -6.27
N GLY D 133 17.17 -7.12 -5.43
CA GLY D 133 16.31 -7.26 -4.26
C GLY D 133 14.96 -7.89 -4.49
N ARG D 134 14.56 -8.07 -5.74
CA ARG D 134 13.25 -8.64 -6.05
C ARG D 134 13.44 -10.15 -6.25
N PRO D 135 12.49 -10.96 -5.74
CA PRO D 135 12.64 -12.43 -5.82
C PRO D 135 12.63 -12.94 -7.26
N GLY D 136 13.68 -13.66 -7.63
CA GLY D 136 13.85 -14.16 -8.98
C GLY D 136 14.19 -13.10 -9.99
N GLY D 137 14.54 -11.89 -9.53
CA GLY D 137 14.86 -10.80 -10.44
C GLY D 137 16.11 -11.11 -11.24
N LEU D 138 17.11 -11.64 -10.55
CA LEU D 138 18.32 -12.15 -11.13
C LEU D 138 18.46 -13.65 -10.91
N ALA D 139 19.13 -14.31 -11.86
CA ALA D 139 19.37 -15.73 -11.82
C ALA D 139 20.81 -15.96 -12.28
N VAL D 140 21.57 -16.69 -11.48
CA VAL D 140 22.95 -17.01 -11.82
C VAL D 140 23.07 -18.51 -12.07
N LEU D 141 23.71 -18.86 -13.18
CA LEU D 141 24.12 -20.26 -13.44
C LEU D 141 25.56 -20.40 -13.03
N ALA D 142 25.84 -21.33 -12.13
CA ALA D 142 27.16 -21.52 -11.58
C ALA D 142 27.67 -22.92 -11.88
N ALA D 143 28.91 -23.01 -12.33
CA ALA D 143 29.58 -24.31 -12.52
C ALA D 143 30.97 -24.31 -11.88
N PHE D 144 31.34 -25.44 -11.29
CA PHE D 144 32.67 -25.59 -10.72
C PHE D 144 33.68 -25.91 -11.82
N LEU D 145 34.89 -25.37 -11.72
CA LEU D 145 35.98 -25.67 -12.64
C LEU D 145 36.99 -26.52 -11.88
N GLU D 146 37.36 -27.66 -12.48
CA GLU D 146 38.26 -28.65 -11.89
C GLU D 146 39.45 -28.85 -12.80
N GLU D 147 40.50 -29.44 -12.27
CA GLU D 147 41.66 -29.80 -13.09
C GLU D 147 41.37 -31.09 -13.83
N GLY D 148 41.70 -31.09 -15.13
CA GLY D 148 41.67 -32.30 -15.93
C GLY D 148 42.90 -32.44 -16.82
N PRO D 149 43.02 -33.58 -17.49
CA PRO D 149 44.21 -33.85 -18.30
C PRO D 149 44.35 -33.03 -19.57
N GLU D 150 43.25 -32.56 -20.16
CA GLU D 150 43.32 -31.82 -21.44
C GLU D 150 43.11 -30.33 -21.27
N GLU D 151 43.64 -29.58 -22.21
CA GLU D 151 43.32 -28.19 -22.42
C GLU D 151 41.84 -28.05 -22.87
N ASN D 152 41.08 -27.22 -22.15
CA ASN D 152 39.69 -26.89 -22.52
C ASN D 152 39.70 -25.79 -23.54
N SER D 153 39.24 -26.09 -24.75
CA SER D 153 39.36 -25.10 -25.82
C SER D 153 38.37 -23.92 -25.72
N ALA D 154 37.23 -24.11 -25.04
CA ALA D 154 36.26 -23.02 -24.88
C ALA D 154 36.81 -21.95 -23.92
N TYR D 155 37.36 -22.39 -22.79
CA TYR D 155 38.01 -21.50 -21.84
C TYR D 155 39.29 -20.86 -22.40
N GLU D 156 40.01 -21.61 -23.25
CA GLU D 156 41.23 -21.06 -23.87
C GLU D 156 40.98 -19.76 -24.64
N GLN D 157 39.81 -19.63 -25.26
CA GLN D 157 39.42 -18.37 -25.90
C GLN D 157 39.48 -17.15 -24.95
N LEU D 158 39.15 -17.37 -23.68
CA LEU D 158 39.21 -16.30 -22.69
C LEU D 158 40.57 -16.23 -22.03
N LEU D 159 41.10 -17.38 -21.64
CA LEU D 159 42.32 -17.43 -20.86
C LEU D 159 43.52 -16.89 -21.65
N SER D 160 43.55 -17.17 -22.94
CA SER D 160 44.61 -16.65 -23.81
C SER D 160 44.61 -15.13 -23.95
N ARG D 161 43.57 -14.45 -23.47
CA ARG D 161 43.47 -13.00 -23.56
C ARG D 161 43.68 -12.26 -22.24
N LEU D 162 43.92 -12.98 -21.15
CA LEU D 162 44.07 -12.34 -19.85
C LEU D 162 45.31 -11.45 -19.74
N GLU D 163 46.37 -11.82 -20.48
CA GLU D 163 47.63 -11.06 -20.46
C GLU D 163 47.40 -9.62 -20.89
N GLU D 164 46.63 -9.42 -21.97
CA GLU D 164 46.25 -8.08 -22.43
C GLU D 164 45.57 -7.16 -21.42
N ILE D 165 44.88 -7.76 -20.44
CA ILE D 165 44.08 -7.01 -19.48
C ILE D 165 44.57 -7.24 -18.05
N ALA D 166 45.88 -7.45 -17.90
CA ALA D 166 46.47 -7.79 -16.59
C ALA D 166 46.29 -6.69 -15.54
N GLU D 167 46.36 -5.43 -15.99
CA GLU D 167 46.25 -4.28 -15.10
C GLU D 167 44.78 -4.00 -14.75
N GLU D 168 44.54 -3.69 -13.47
CA GLU D 168 43.21 -3.38 -12.99
C GLU D 168 42.57 -2.29 -13.84
N GLY D 169 41.30 -2.51 -14.20
CA GLY D 169 40.55 -1.55 -15.00
C GLY D 169 40.78 -1.58 -16.50
N SER D 170 41.65 -2.45 -17.01
CA SER D 170 41.86 -2.51 -18.46
C SER D 170 40.85 -3.46 -19.08
N GLU D 171 40.64 -3.31 -20.39
CA GLU D 171 39.69 -4.12 -21.12
C GLU D 171 40.16 -4.39 -22.53
N THR D 172 39.66 -5.47 -23.12
CA THR D 172 39.91 -5.78 -24.53
C THR D 172 38.62 -6.30 -25.20
N GLN D 173 38.68 -6.45 -26.52
CA GLN D 173 37.60 -7.00 -27.32
C GLN D 173 38.01 -8.42 -27.75
N VAL D 174 37.13 -9.39 -27.53
CA VAL D 174 37.39 -10.79 -27.97
C VAL D 174 36.34 -11.23 -28.99
N PRO D 175 36.72 -12.15 -29.90
CA PRO D 175 35.71 -12.64 -30.83
C PRO D 175 34.53 -13.35 -30.12
N GLY D 176 33.34 -13.27 -30.70
CA GLY D 176 32.22 -14.07 -30.20
C GLY D 176 32.58 -15.55 -30.12
N LEU D 177 32.06 -16.21 -29.09
CA LEU D 177 32.28 -17.62 -28.87
C LEU D 177 30.99 -18.27 -28.42
N ASP D 178 31.01 -19.58 -28.36
CA ASP D 178 29.88 -20.33 -27.89
C ASP D 178 29.93 -20.35 -26.38
N ILE D 179 29.06 -19.56 -25.78
CA ILE D 179 29.02 -19.39 -24.34
C ILE D 179 28.55 -20.68 -23.68
N SER D 180 27.67 -21.43 -24.36
CA SER D 180 27.18 -22.71 -23.79
C SER D 180 28.27 -23.79 -23.69
N ALA D 181 29.31 -23.67 -24.50
CA ALA D 181 30.46 -24.58 -24.43
C ALA D 181 31.30 -24.45 -23.13
N LEU D 182 31.09 -23.36 -22.39
CA LEU D 182 31.74 -23.16 -21.09
C LEU D 182 31.06 -23.87 -19.94
N LEU D 183 29.89 -24.44 -20.19
CA LEU D 183 29.07 -25.05 -19.16
C LEU D 183 29.10 -26.59 -19.22
N PRO D 184 28.73 -27.27 -18.14
CA PRO D 184 28.75 -28.74 -18.12
C PRO D 184 27.83 -29.46 -19.10
N SER D 185 28.00 -30.77 -19.17
CA SER D 185 27.32 -31.56 -20.19
CA SER D 185 27.32 -31.59 -20.17
C SER D 185 25.82 -31.71 -19.93
N ASP D 186 25.41 -31.91 -18.68
CA ASP D 186 24.03 -32.27 -18.37
C ASP D 186 23.27 -31.09 -17.74
N PHE D 187 22.34 -30.53 -18.49
CA PHE D 187 21.52 -29.39 -18.03
C PHE D 187 20.29 -29.82 -17.19
N SER D 188 20.10 -31.13 -16.97
CA SER D 188 19.01 -31.65 -16.15
C SER D 188 19.42 -31.85 -14.70
N ARG D 189 20.73 -31.74 -14.39
CA ARG D 189 21.25 -32.09 -13.04
C ARG D 189 21.89 -30.87 -12.37
N TYR D 190 21.19 -30.35 -11.36
CA TYR D 190 21.63 -29.12 -10.72
C TYR D 190 21.04 -29.00 -9.30
N PHE D 191 21.70 -28.15 -8.51
CA PHE D 191 21.17 -27.68 -7.23
C PHE D 191 20.61 -26.28 -7.44
N GLN D 192 19.59 -25.92 -6.65
CA GLN D 192 18.99 -24.60 -6.72
C GLN D 192 18.55 -24.07 -5.35
N TYR D 193 18.78 -22.78 -5.11
CA TYR D 193 18.32 -22.10 -3.90
C TYR D 193 18.29 -20.58 -4.17
N GLU D 194 17.66 -19.85 -3.27
CA GLU D 194 17.58 -18.40 -3.36
C GLU D 194 18.54 -17.76 -2.37
N GLY D 195 19.41 -16.88 -2.86
CA GLY D 195 20.37 -16.19 -2.03
C GLY D 195 20.66 -14.80 -2.56
N SER D 196 21.95 -14.47 -2.70
CA SER D 196 22.36 -13.09 -2.87
C SER D 196 23.47 -12.94 -3.86
N LEU D 197 23.74 -11.71 -4.25
CA LEU D 197 25.02 -11.40 -4.87
C LEU D 197 26.15 -11.72 -3.84
N THR D 198 27.34 -12.05 -4.35
CA THR D 198 28.48 -12.42 -3.49
C THR D 198 29.48 -11.26 -3.40
N THR D 199 29.07 -10.09 -3.87
CA THR D 199 29.85 -8.87 -3.84
C THR D 199 28.85 -7.73 -3.52
N PRO D 200 29.31 -6.60 -2.95
CA PRO D 200 28.37 -5.49 -2.79
C PRO D 200 27.72 -5.09 -4.09
N PRO D 201 26.40 -4.79 -4.07
CA PRO D 201 25.53 -4.54 -2.90
C PRO D 201 24.90 -5.74 -2.18
N CYS D 202 25.34 -6.97 -2.47
CA CYS D 202 24.83 -8.17 -1.77
C CYS D 202 23.31 -8.30 -1.77
N ALA D 203 22.67 -7.85 -2.85
CA ALA D 203 21.20 -7.90 -2.97
C ALA D 203 20.72 -9.34 -2.87
N GLN D 204 19.60 -9.53 -2.19
CA GLN D 204 18.98 -10.86 -2.04
C GLN D 204 17.95 -11.05 -3.17
N GLY D 205 17.27 -12.18 -3.16
CA GLY D 205 16.35 -12.56 -4.25
C GLY D 205 16.98 -13.20 -5.49
N VAL D 206 18.27 -13.51 -5.44
CA VAL D 206 18.99 -14.07 -6.58
C VAL D 206 18.75 -15.58 -6.58
N ILE D 207 18.27 -16.12 -7.71
CA ILE D 207 18.11 -17.57 -7.82
C ILE D 207 19.46 -18.14 -8.28
N TRP D 208 20.07 -18.98 -7.45
CA TRP D 208 21.34 -19.65 -7.78
C TRP D 208 21.06 -21.07 -8.26
N THR D 209 21.61 -21.42 -9.42
CA THR D 209 21.50 -22.77 -9.97
C THR D 209 22.93 -23.26 -10.14
N VAL D 210 23.31 -24.25 -9.35
CA VAL D 210 24.65 -24.82 -9.39
C VAL D 210 24.62 -26.21 -10.04
N PHE D 211 25.31 -26.33 -11.17
CA PHE D 211 25.39 -27.62 -11.89
C PHE D 211 25.99 -28.70 -11.02
N ASN D 212 25.42 -29.90 -11.07
CA ASN D 212 25.99 -31.07 -10.39
C ASN D 212 27.36 -31.42 -11.00
N GLN D 213 27.46 -31.43 -12.34
CA GLN D 213 28.70 -31.77 -13.02
C GLN D 213 29.62 -30.59 -13.16
N THR D 214 30.91 -30.89 -13.19
CA THR D 214 31.96 -29.86 -13.29
C THR D 214 32.47 -29.73 -14.71
N VAL D 215 33.27 -28.71 -14.93
CA VAL D 215 33.95 -28.47 -16.17
C VAL D 215 35.46 -28.62 -15.86
N MET D 216 36.22 -29.11 -16.84
CA MET D 216 37.64 -29.42 -16.66
C MET D 216 38.53 -28.49 -17.47
N LEU D 217 39.49 -27.89 -16.78
CA LEU D 217 40.55 -27.08 -17.40
C LEU D 217 41.90 -27.75 -17.08
N SER D 218 42.91 -27.50 -17.91
CA SER D 218 44.26 -28.03 -17.63
C SER D 218 44.86 -27.30 -16.46
N ALA D 219 45.84 -27.93 -15.80
CA ALA D 219 46.55 -27.28 -14.70
C ALA D 219 47.18 -25.96 -15.15
N LYS D 220 47.69 -25.93 -16.38
CA LYS D 220 48.25 -24.70 -16.94
C LYS D 220 47.20 -23.61 -17.12
N GLN D 221 46.02 -24.01 -17.59
CA GLN D 221 44.90 -23.08 -17.73
C GLN D 221 44.47 -22.45 -16.41
N LEU D 222 44.38 -23.28 -15.37
CA LEU D 222 44.07 -22.79 -14.04
C LEU D 222 45.13 -21.83 -13.49
N HIS D 223 46.41 -22.17 -13.66
CA HIS D 223 47.50 -21.27 -13.25
CA HIS D 223 47.54 -21.29 -13.29
C HIS D 223 47.39 -19.95 -14.00
N THR D 224 47.13 -19.99 -15.30
CA THR D 224 46.91 -18.77 -16.06
C THR D 224 45.75 -17.91 -15.49
N LEU D 225 44.65 -18.54 -15.11
CA LEU D 225 43.49 -17.81 -14.57
C LEU D 225 43.87 -17.03 -13.32
N SER D 226 44.59 -17.70 -12.42
CA SER D 226 44.89 -17.17 -11.10
C SER D 226 46.17 -16.32 -11.01
N ASP D 227 47.04 -16.36 -12.02
CA ASP D 227 48.36 -15.72 -11.95
C ASP D 227 48.55 -14.58 -12.94
N THR D 228 47.58 -14.32 -13.81
CA THR D 228 47.76 -13.31 -14.84
C THR D 228 47.30 -11.92 -14.42
N LEU D 229 46.22 -11.84 -13.63
CA LEU D 229 45.56 -10.54 -13.40
C LEU D 229 45.97 -9.85 -12.10
N TRP D 230 46.02 -8.52 -12.14
CA TRP D 230 46.35 -7.68 -10.96
C TRP D 230 45.13 -6.92 -10.48
N GLY D 231 44.97 -6.84 -9.16
CA GLY D 231 43.79 -6.26 -8.52
C GLY D 231 44.03 -4.88 -7.94
N PRO D 232 43.25 -4.50 -6.90
CA PRO D 232 43.46 -3.24 -6.14
C PRO D 232 44.86 -3.14 -5.57
N GLY D 233 45.90 -0.38 -5.83
CA GLY D 233 47.11 -0.95 -5.25
C GLY D 233 47.81 -1.93 -6.16
N ASP D 234 48.87 -2.55 -5.65
CA ASP D 234 49.78 -3.38 -6.44
C ASP D 234 49.74 -4.84 -5.97
N SER D 235 48.54 -5.41 -5.86
CA SER D 235 48.36 -6.82 -5.46
C SER D 235 47.75 -7.68 -6.57
N ARG D 236 48.07 -8.97 -6.57
CA ARG D 236 47.54 -9.90 -7.57
C ARG D 236 46.03 -10.12 -7.38
N LEU D 237 45.32 -10.31 -8.48
CA LEU D 237 43.89 -10.62 -8.40
C LEU D 237 43.74 -12.13 -8.22
N GLN D 238 43.61 -12.53 -6.95
CA GLN D 238 43.56 -13.93 -6.53
C GLN D 238 42.64 -14.10 -5.33
N LEU D 239 42.23 -15.35 -5.10
CA LEU D 239 41.38 -15.70 -3.96
C LEU D 239 40.12 -14.79 -3.89
N ASN D 240 39.56 -14.48 -5.06
CA ASN D 240 38.44 -13.54 -5.20
C ASN D 240 37.10 -14.25 -5.00
N PHE D 241 36.96 -14.92 -3.85
CA PHE D 241 35.73 -15.57 -3.47
C PHE D 241 35.29 -15.12 -2.09
N ARG D 242 34.00 -15.21 -1.83
CA ARG D 242 33.42 -14.85 -0.57
C ARG D 242 33.29 -16.13 0.25
N ALA D 243 33.44 -16.00 1.57
CA ALA D 243 33.22 -17.11 2.48
C ALA D 243 31.78 -17.59 2.46
N THR D 244 31.60 -18.88 2.75
CA THR D 244 30.30 -19.54 2.79
CA THR D 244 30.27 -19.47 2.73
C THR D 244 29.41 -18.91 3.87
N GLN D 245 28.11 -18.90 3.63
CA GLN D 245 27.16 -18.21 4.49
C GLN D 245 26.15 -19.21 4.99
N PRO D 246 25.58 -18.98 6.18
CA PRO D 246 24.62 -19.93 6.73
C PRO D 246 23.31 -19.96 5.93
N LEU D 247 22.73 -21.14 5.79
CA LEU D 247 21.46 -21.32 5.10
C LEU D 247 20.30 -20.64 5.83
N ASN D 248 20.37 -20.60 7.16
CA ASN D 248 19.35 -19.94 7.99
C ASN D 248 17.94 -20.45 7.70
N GLY D 249 17.83 -21.78 7.59
CA GLY D 249 16.58 -22.46 7.31
C GLY D 249 16.27 -22.76 5.85
N ARG D 250 16.98 -22.16 4.89
CA ARG D 250 16.78 -22.47 3.47
C ARG D 250 17.13 -23.94 3.21
N VAL D 251 16.32 -24.62 2.41
CA VAL D 251 16.62 -25.99 1.97
C VAL D 251 17.08 -25.95 0.49
N ILE D 252 18.27 -26.46 0.22
CA ILE D 252 18.79 -26.53 -1.16
C ILE D 252 17.98 -27.62 -1.89
N GLU D 253 17.47 -27.29 -3.09
CA GLU D 253 16.75 -28.26 -3.89
C GLU D 253 17.70 -28.88 -4.90
N ALA D 254 17.42 -30.14 -5.26
CA ALA D 254 18.18 -30.87 -6.29
C ALA D 254 17.20 -31.34 -7.35
N SER D 255 17.61 -31.31 -8.60
CA SER D 255 16.75 -31.70 -9.73
C SER D 255 16.83 -33.21 -10.03
N PHE D 256 17.54 -33.95 -9.21
CA PHE D 256 17.83 -35.37 -9.43
C PHE D 256 17.76 -36.04 -8.05
N PRO D 257 17.35 -37.33 -8.00
CA PRO D 257 17.25 -38.03 -6.70
C PRO D 257 18.60 -38.48 -6.15
ZN ZN E . -28.88 12.95 15.02
F18 V90 F . -30.75 8.47 10.66
C5 V90 F . -30.25 8.79 11.86
C6 V90 F . -31.00 8.32 13.03
S12 V90 F . -32.46 7.45 12.78
C13 V90 F . -32.19 5.74 13.06
C14 V90 F . -31.33 5.15 11.96
O15 V90 F . -30.50 4.19 12.62
C1 V90 F . -30.49 8.62 14.37
F17 V90 F . -31.16 8.18 15.46
C4 V90 F . -29.01 9.62 12.00
C3 V90 F . -28.48 9.89 13.38
S8 V90 F . -27.14 10.79 13.66
O10 V90 F . -26.01 9.92 13.93
N11 V90 F . -27.36 11.73 14.93
O9 V90 F . -26.94 11.70 12.56
C2 V90 F . -29.26 9.40 14.54
F16 V90 F . -28.81 9.66 15.77
N7 V90 F . -28.22 9.93 10.97
C19 V90 F . -27.90 8.91 9.96
C26 V90 F . -27.16 7.75 10.66
C25 V90 F . -27.49 6.32 10.23
C24 V90 F . -27.47 6.03 8.74
C23 V90 F . -26.10 6.25 8.12
C22 V90 F . -25.62 7.69 7.89
C21 V90 F . -26.69 8.73 7.64
C20 V90 F . -27.02 9.55 8.89
ZN ZN G . 6.56 17.17 -3.95
F18 V90 H . 5.86 11.29 -6.70
C5 V90 H . 5.79 12.63 -6.77
C6 V90 H . 6.59 13.36 -7.80
S12 V90 H . 7.60 12.60 -8.93
C13 V90 H . 6.88 11.12 -9.58
C14 V90 H . 5.41 11.21 -9.98
O15 V90 H . 5.36 11.79 -11.29
C1 V90 H . 6.52 14.82 -7.88
F17 V90 H . 7.23 15.49 -8.80
C4 V90 H . 4.96 13.41 -5.81
C3 V90 H . 4.86 14.90 -5.92
S8 V90 H . 3.96 15.84 -4.94
O10 V90 H . 3.69 15.22 -3.68
N11 V90 H . 4.78 17.21 -4.66
O9 V90 H . 2.73 16.21 -5.60
C2 V90 H . 5.68 15.56 -6.94
F16 V90 H . 5.66 16.89 -7.07
N7 V90 H . 4.11 12.84 -4.97
C19 V90 H . 3.31 11.65 -5.31
C26 V90 H . 2.54 11.17 -4.09
C25 V90 H . 2.17 9.71 -4.15
C24 V90 H . 0.67 9.60 -4.31
C23 V90 H . 0.06 10.24 -5.56
C22 V90 H . 0.80 9.94 -6.86
C21 V90 H . 1.86 10.94 -7.34
C20 V90 H . 2.29 12.06 -6.40
ZN ZN I . -10.19 -15.13 -6.30
F18 V90 J . -10.47 -8.59 -6.31
C5 V90 J . -10.56 -9.76 -6.92
C6 V90 J . -11.85 -10.11 -7.58
S12 V90 J . -13.16 -9.03 -7.54
C13 V90 J . -13.07 -7.86 -8.84
C14 V90 J . -11.68 -7.22 -8.93
O15 V90 J . -11.64 -6.33 -10.05
C1 V90 J . -11.99 -11.39 -8.29
F17 V90 J . -13.15 -11.71 -8.90
C4 V90 J . -9.41 -10.73 -6.94
C3 V90 J . -9.56 -12.03 -7.71
S8 V90 J . -8.39 -13.15 -7.82
O10 V90 J . -7.73 -12.91 -9.09
N11 V90 J . -9.04 -14.64 -7.76
O9 V90 J . -7.47 -13.15 -6.72
C2 V90 J . -10.86 -12.33 -8.35
F16 V90 J . -11.03 -13.48 -9.00
N7 V90 J . -8.18 -10.42 -6.50
C19 V90 J . -7.52 -9.13 -6.70
C26 V90 J . -7.22 -9.04 -8.22
C25 V90 J . -7.50 -7.70 -8.89
C24 V90 J . -6.82 -6.49 -8.26
C23 V90 J . -5.29 -6.62 -8.21
C22 V90 J . -4.64 -7.54 -7.16
C21 V90 J . -5.42 -7.78 -5.89
C20 V90 J . -6.20 -9.10 -5.92
ZN ZN K . 30.18 -14.33 -9.16
F18 V90 L . 29.98 -8.30 -11.50
C5 V90 L . 30.17 -9.14 -10.49
C6 V90 L . 31.50 -9.14 -9.84
S12 V90 L . 32.70 -8.07 -10.41
C13 V90 L . 32.61 -6.59 -9.45
C14 V90 L . 31.41 -5.73 -9.83
O15 V90 L . 31.04 -4.99 -8.67
C1 V90 L . 31.75 -10.05 -8.73
F17 V90 L . 32.96 -10.02 -8.18
C4 V90 L . 29.12 -10.10 -10.06
C3 V90 L . 29.36 -11.01 -8.91
S8 V90 L . 28.25 -12.05 -8.38
O10 V90 L . 27.54 -11.46 -7.27
N11 V90 L . 28.86 -13.42 -7.82
O9 V90 L . 27.36 -12.35 -9.48
C2 V90 L . 30.69 -11.00 -8.25
F16 V90 L . 30.91 -11.85 -7.22
N7 V90 L . 27.85 -10.01 -10.53
C19 V90 L . 27.18 -8.69 -10.72
C26 V90 L . 27.08 -8.03 -9.33
C25 V90 L . 27.27 -6.51 -9.25
C24 V90 L . 26.56 -5.66 -10.31
C23 V90 L . 25.04 -5.67 -10.25
C22 V90 L . 24.31 -6.99 -10.55
C21 V90 L . 24.91 -7.77 -11.72
C20 V90 L . 25.79 -8.95 -11.29
#